data_2XS8
#
_entry.id   2XS8
#
_cell.length_a   145.542
_cell.length_b   99.076
_cell.length_c   72.594
_cell.angle_alpha   90.00
_cell.angle_beta   106.87
_cell.angle_gamma   90.00
#
_symmetry.space_group_name_H-M   'C 1 2 1'
#
loop_
_entity.id
_entity.type
_entity.pdbx_description
1 polymer 'PROGRAMMED CELL DEATH 6-INTERACTING PROTEIN'
2 polymer 'SIVAGMTAN-1 GAG P6'
3 water water
#
loop_
_entity_poly.entity_id
_entity_poly.type
_entity_poly.pdbx_seq_one_letter_code
_entity_poly.pdbx_strand_id
1 'polypeptide(L)'
;GIDPFTMATFISVQLKKTSEVDLAKPLVKFIQQTYPSGGEEQAQYCRAAEELSKLRRAAVGRPLDKHEGALETLLRYYDQ
ICSIEPKFPFSENQICLTFTWKDAFDKGSLFGGSVKLALASLGYEKSCVLFNCAALASQIAAEQNLDNDEGLKIAAKHYQ
FASGAFLHIKETVLSALSREPTVDISPDTVGTLSLIMLAQAQEVFFLKATRDKMKDAIIAKLANQAADYFGDAFKQCQYK
DTLPKEVFPVLAAKHCIMQANAEYHQSILAKQQYYFGEEIARLQHAAELIKTVASRYDEYVNVKDFSDKINRALAAAKKD
NDFIYHDRVPDLKDLDPIGKATLVKSTPVNVPISQKFTDLFEKMVPVSVQQSLAAYNQRKADLVNRSIAQMREATTLANG
VLASLNLPAAIEDVSGDTVPQSILTKSRSVIEQGGIQTVDQLIKELPELLQRNREILDESLRLLDEEEATDNDLRAKFKE
RWQRTPSNELYKPLRAEGTNFRTVLDKAVQADGQVKECYQSHRDTIVLLCKPEPELNAAIPSANPAKTMQGSEVVNVLKS
LLSNLDEVKKEREGLENDLKSVNFDMTSKFLTALAQDGVINEEALSVTELDRVYGGLTTKVQESLKKQEGLLKNIQVSHQ
EFSKMKQSNNEANLREEVLKNLATAYDNFVELVANLKEGTKFYNELTEILVRFQNKCSDIVFAR
;
A
2 'polypeptide(L)' AAGAYDPARKLLEQYAKK B
#
# COMPACT_ATOMS: atom_id res chain seq x y z
N ALA A 8 5.28 9.18 -50.60
CA ALA A 8 4.42 8.40 -49.70
C ALA A 8 4.33 9.07 -48.31
N THR A 9 3.17 9.62 -47.98
CA THR A 9 2.98 10.33 -46.72
C THR A 9 2.06 9.61 -45.72
N PHE A 10 2.59 9.28 -44.55
CA PHE A 10 1.84 8.66 -43.47
C PHE A 10 1.81 9.59 -42.27
N ILE A 11 0.67 9.65 -41.58
CA ILE A 11 0.54 10.53 -40.42
C ILE A 11 1.32 9.95 -39.25
N SER A 12 2.04 10.80 -38.52
CA SER A 12 2.54 10.39 -37.21
C SER A 12 2.32 11.48 -36.17
N VAL A 13 2.62 11.14 -34.93
CA VAL A 13 2.34 12.02 -33.81
C VAL A 13 3.61 12.53 -33.11
N GLN A 14 3.62 13.81 -32.78
CA GLN A 14 4.73 14.40 -32.03
C GLN A 14 4.71 14.04 -30.56
N LEU A 15 5.88 13.86 -29.97
CA LEU A 15 6.00 13.62 -28.55
C LEU A 15 5.57 14.80 -27.68
N LYS A 16 5.06 14.48 -26.50
CA LYS A 16 4.72 15.45 -25.47
C LYS A 16 5.96 15.83 -24.66
N LYS A 17 6.08 17.11 -24.34
CA LYS A 17 7.20 17.55 -23.50
C LYS A 17 6.82 17.53 -22.02
N THR A 18 7.80 17.13 -21.19
CA THR A 18 7.65 17.15 -19.74
C THR A 18 8.82 17.90 -19.11
N SER A 19 8.56 18.57 -18.00
CA SER A 19 9.64 19.20 -17.25
C SER A 19 10.30 18.19 -16.32
N GLU A 20 11.60 18.34 -16.13
CA GLU A 20 12.35 17.46 -15.25
C GLU A 20 11.82 17.53 -13.82
N VAL A 21 11.77 16.38 -13.17
CA VAL A 21 11.18 16.30 -11.86
C VAL A 21 11.95 15.30 -11.01
N ASP A 22 12.35 15.72 -9.81
CA ASP A 22 13.11 14.89 -8.90
C ASP A 22 12.29 13.68 -8.47
N LEU A 23 12.57 12.55 -9.10
CA LEU A 23 11.81 11.32 -8.89
C LEU A 23 12.27 10.55 -7.66
N ALA A 24 13.56 10.67 -7.31
CA ALA A 24 14.11 9.99 -6.14
C ALA A 24 13.51 10.50 -4.82
N LYS A 25 13.25 11.81 -4.76
CA LYS A 25 12.90 12.52 -3.53
C LYS A 25 11.70 11.95 -2.73
N PRO A 26 10.47 12.06 -3.27
CA PRO A 26 9.33 11.54 -2.49
C PRO A 26 9.39 10.04 -2.27
N LEU A 27 10.36 9.38 -2.89
CA LEU A 27 10.41 7.93 -2.82
C LEU A 27 11.33 7.44 -1.70
N VAL A 28 12.54 7.98 -1.66
CA VAL A 28 13.46 7.67 -0.59
C VAL A 28 12.87 8.10 0.74
N LYS A 29 12.34 9.33 0.78
CA LYS A 29 11.64 9.84 1.95
C LYS A 29 10.74 8.76 2.56
N PHE A 30 9.83 8.24 1.74
CA PHE A 30 8.91 7.21 2.20
C PHE A 30 9.63 5.90 2.48
N ILE A 31 10.50 5.49 1.55
CA ILE A 31 11.26 4.23 1.68
C ILE A 31 11.83 4.07 3.09
N GLN A 32 12.40 5.15 3.60
CA GLN A 32 13.05 5.16 4.91
C GLN A 32 12.02 5.16 6.03
N GLN A 33 11.02 6.02 5.93
CA GLN A 33 9.91 6.03 6.88
C GLN A 33 9.32 4.63 7.06
N THR A 34 9.80 3.69 6.27
CA THR A 34 9.16 2.39 6.13
C THR A 34 10.04 1.20 6.54
N TYR A 35 11.34 1.40 6.62
CA TYR A 35 12.28 0.28 6.85
C TYR A 35 13.28 0.51 8.00
N PRO A 36 14.10 -0.52 8.30
CA PRO A 36 15.13 -0.36 9.34
C PRO A 36 16.30 0.46 8.85
N SER A 37 16.50 1.65 9.40
CA SER A 37 17.59 2.53 8.94
C SER A 37 18.92 1.79 8.85
N GLY A 38 19.60 1.89 7.71
CA GLY A 38 20.83 1.17 7.48
C GLY A 38 20.55 -0.26 7.05
N GLY A 39 19.34 -0.72 7.34
CA GLY A 39 18.88 -2.04 6.94
C GLY A 39 18.96 -2.24 5.43
N GLU A 40 19.39 -3.43 5.04
CA GLU A 40 19.66 -3.75 3.64
C GLU A 40 18.43 -3.67 2.75
N GLU A 41 17.25 -3.56 3.36
CA GLU A 41 16.05 -3.26 2.61
C GLU A 41 16.36 -1.99 1.83
N GLN A 42 16.43 -0.91 2.57
CA GLN A 42 16.79 0.39 2.02
C GLN A 42 17.98 0.31 1.07
N ALA A 43 18.89 -0.64 1.29
CA ALA A 43 20.11 -0.75 0.49
C ALA A 43 19.84 -0.96 -1.00
N GLN A 44 18.69 -1.54 -1.32
CA GLN A 44 18.33 -1.71 -2.73
C GLN A 44 17.15 -0.83 -3.13
N TYR A 45 16.12 -0.78 -2.29
CA TYR A 45 14.92 0.00 -2.61
C TYR A 45 15.20 1.49 -2.82
N CYS A 46 16.16 2.04 -2.08
CA CYS A 46 16.57 3.42 -2.29
C CYS A 46 17.49 3.48 -3.52
N ARG A 47 18.18 2.38 -3.76
CA ARG A 47 19.11 2.28 -4.89
C ARG A 47 18.36 1.99 -6.19
N ALA A 48 17.07 1.66 -6.07
CA ALA A 48 16.23 1.44 -7.24
C ALA A 48 15.57 2.75 -7.65
N ALA A 49 15.10 3.52 -6.67
CA ALA A 49 14.48 4.81 -6.91
C ALA A 49 15.49 5.83 -7.43
N GLU A 50 16.74 5.39 -7.55
CA GLU A 50 17.77 6.20 -8.19
C GLU A 50 17.81 5.88 -9.67
N GLU A 51 18.00 4.60 -10.00
CA GLU A 51 17.98 4.16 -11.38
C GLU A 51 16.71 4.66 -12.06
N LEU A 52 15.62 4.66 -11.31
CA LEU A 52 14.31 5.06 -11.82
C LEU A 52 14.27 6.50 -12.30
N SER A 53 14.81 7.40 -11.49
CA SER A 53 14.80 8.82 -11.80
C SER A 53 15.70 9.09 -12.99
N LYS A 54 16.76 8.29 -13.09
CA LYS A 54 17.72 8.36 -14.19
C LYS A 54 17.16 7.76 -15.47
N LEU A 55 16.18 6.87 -15.31
CA LEU A 55 15.46 6.27 -16.43
C LEU A 55 14.46 7.26 -17.04
N ARG A 56 13.58 7.81 -16.19
CA ARG A 56 12.67 8.87 -16.60
C ARG A 56 13.38 9.99 -17.34
N ARG A 57 14.55 10.36 -16.86
CA ARG A 57 15.35 11.38 -17.51
C ARG A 57 15.62 10.95 -18.94
N ALA A 58 16.08 9.71 -19.08
CA ALA A 58 16.42 9.18 -20.39
C ALA A 58 15.20 9.01 -21.31
N ALA A 59 14.08 8.56 -20.74
CA ALA A 59 12.88 8.27 -21.49
C ALA A 59 12.04 9.51 -21.84
N VAL A 60 12.49 10.69 -21.46
CA VAL A 60 11.66 11.88 -21.64
C VAL A 60 12.42 13.18 -21.84
N GLY A 61 13.48 13.37 -21.07
CA GLY A 61 14.24 14.61 -21.10
C GLY A 61 15.12 14.71 -22.34
N ARG A 62 15.51 13.55 -22.85
CA ARG A 62 16.40 13.49 -23.99
C ARG A 62 15.74 14.02 -25.26
N PRO A 63 16.49 14.82 -26.03
CA PRO A 63 16.14 15.15 -27.42
C PRO A 63 16.09 13.84 -28.20
N LEU A 64 15.06 13.65 -29.03
CA LEU A 64 14.69 12.29 -29.42
C LEU A 64 15.36 11.63 -30.63
N ASP A 65 15.62 10.34 -30.47
CA ASP A 65 16.23 9.49 -31.47
C ASP A 65 15.24 8.41 -31.92
N LYS A 66 14.82 8.47 -33.18
CA LYS A 66 13.81 7.55 -33.73
C LYS A 66 14.30 6.11 -33.95
N HIS A 67 14.54 5.37 -32.88
CA HIS A 67 14.95 3.97 -33.03
C HIS A 67 14.44 3.08 -31.89
N GLU A 68 14.49 1.77 -32.08
CA GLU A 68 14.01 0.82 -31.08
C GLU A 68 14.71 0.98 -29.75
N GLY A 69 15.91 1.58 -29.77
CA GLY A 69 16.63 1.86 -28.55
C GLY A 69 15.88 2.83 -27.65
N ALA A 70 15.69 4.04 -28.15
CA ALA A 70 14.93 5.05 -27.42
C ALA A 70 13.46 4.64 -27.15
N LEU A 71 12.92 3.73 -27.96
CA LEU A 71 11.55 3.29 -27.77
C LEU A 71 11.45 2.24 -26.66
N GLU A 72 12.43 1.34 -26.61
CA GLU A 72 12.49 0.34 -25.53
C GLU A 72 12.72 1.00 -24.17
N THR A 73 13.62 1.98 -24.13
CA THR A 73 13.81 2.79 -22.93
C THR A 73 12.49 3.40 -22.47
N LEU A 74 11.72 3.91 -23.43
CA LEU A 74 10.44 4.54 -23.13
C LEU A 74 9.42 3.45 -22.76
N LEU A 75 9.50 2.31 -23.42
CA LEU A 75 8.61 1.21 -23.13
C LEU A 75 8.92 0.70 -21.73
N ARG A 76 10.19 0.38 -21.49
CA ARG A 76 10.66 0.00 -20.15
C ARG A 76 10.19 1.00 -19.09
N TYR A 77 10.31 2.28 -19.38
CA TYR A 77 9.83 3.28 -18.43
C TYR A 77 8.32 3.18 -18.15
N TYR A 78 7.52 2.91 -19.17
CA TYR A 78 6.08 2.73 -18.91
C TYR A 78 5.91 1.55 -17.96
N ASP A 79 6.55 0.44 -18.28
CA ASP A 79 6.46 -0.78 -17.49
C ASP A 79 6.80 -0.53 -16.02
N GLN A 80 7.96 0.08 -15.79
CA GLN A 80 8.48 0.23 -14.43
C GLN A 80 7.63 1.18 -13.62
N ILE A 81 7.02 2.16 -14.28
CA ILE A 81 6.09 3.04 -13.59
C ILE A 81 4.87 2.26 -13.14
N CYS A 82 4.26 1.52 -14.05
CA CYS A 82 3.11 0.68 -13.68
C CYS A 82 3.41 -0.29 -12.52
N SER A 83 4.66 -0.71 -12.40
CA SER A 83 5.05 -1.73 -11.44
C SER A 83 5.29 -1.16 -10.06
N ILE A 84 4.90 0.10 -9.89
CA ILE A 84 5.24 0.88 -8.71
C ILE A 84 3.99 1.38 -8.03
N GLU A 85 2.92 1.53 -8.79
CA GLU A 85 1.67 2.07 -8.26
C GLU A 85 1.16 1.36 -6.99
N PRO A 86 1.26 0.02 -6.92
CA PRO A 86 0.70 -0.67 -5.75
C PRO A 86 1.70 -0.71 -4.58
N LYS A 87 2.91 -0.22 -4.83
CA LYS A 87 3.99 -0.29 -3.84
C LYS A 87 4.42 1.07 -3.28
N PHE A 88 3.57 2.08 -3.46
CA PHE A 88 3.72 3.36 -2.76
C PHE A 88 2.33 3.96 -2.54
N PRO A 89 2.21 4.86 -1.56
CA PRO A 89 0.90 5.43 -1.21
C PRO A 89 0.53 6.66 -2.02
N PHE A 90 0.48 6.48 -3.34
CA PHE A 90 0.02 7.52 -4.24
C PHE A 90 -1.47 7.79 -4.03
N SER A 91 -2.22 6.75 -3.70
CA SER A 91 -3.68 6.85 -3.55
C SER A 91 -4.11 8.04 -2.69
N GLU A 92 -3.58 8.13 -1.47
CA GLU A 92 -3.86 9.27 -0.61
C GLU A 92 -3.20 10.51 -1.18
N ASN A 93 -2.20 10.30 -2.02
CA ASN A 93 -1.47 11.38 -2.66
C ASN A 93 -0.75 12.25 -1.64
N GLN A 94 -0.81 11.85 -0.38
CA GLN A 94 -0.10 12.58 0.68
C GLN A 94 1.40 12.51 0.40
N ILE A 95 1.80 11.56 -0.45
CA ILE A 95 3.16 11.50 -0.97
C ILE A 95 3.22 12.33 -2.26
N CYS A 96 3.37 13.64 -2.10
CA CYS A 96 3.23 14.53 -3.24
C CYS A 96 4.49 14.65 -4.10
N LEU A 97 4.31 14.30 -5.38
CA LEU A 97 5.29 14.46 -6.43
C LEU A 97 4.49 14.93 -7.63
N THR A 98 4.94 15.98 -8.30
CA THR A 98 4.16 16.59 -9.37
C THR A 98 4.76 16.41 -10.77
N PHE A 99 3.94 15.88 -11.68
CA PHE A 99 4.34 15.64 -13.07
C PHE A 99 3.84 16.71 -14.01
N THR A 100 4.76 17.35 -14.73
CA THR A 100 4.37 18.44 -15.63
C THR A 100 4.52 18.14 -17.15
N TRP A 101 3.39 18.00 -17.84
CA TRP A 101 3.40 17.74 -19.28
C TRP A 101 2.77 18.87 -20.11
N LYS A 102 3.33 19.10 -21.30
CA LYS A 102 2.78 20.06 -22.23
C LYS A 102 1.90 19.32 -23.24
N ASP A 103 1.01 20.05 -23.88
CA ASP A 103 0.20 19.48 -24.93
C ASP A 103 1.08 19.11 -26.14
N ALA A 104 0.69 18.05 -26.85
CA ALA A 104 1.45 17.58 -27.99
C ALA A 104 1.22 18.48 -29.18
N PHE A 105 0.01 19.06 -29.27
CA PHE A 105 -0.39 19.83 -30.45
C PHE A 105 -0.57 21.33 -30.17
N ASP A 106 -0.28 21.74 -28.95
CA ASP A 106 -0.54 23.11 -28.54
C ASP A 106 -2.04 23.40 -28.68
N LYS A 107 -2.85 22.46 -28.21
CA LYS A 107 -4.30 22.59 -28.26
C LYS A 107 -4.90 22.97 -26.90
N GLY A 108 -5.44 24.18 -26.83
CA GLY A 108 -6.16 24.64 -25.65
C GLY A 108 -7.42 25.35 -26.09
N SER A 109 -8.50 25.19 -25.36
CA SER A 109 -9.77 25.83 -25.71
C SER A 109 -9.60 27.33 -25.87
N LEU A 110 -8.91 27.96 -24.92
CA LEU A 110 -8.59 29.37 -24.99
C LEU A 110 -7.38 29.59 -25.90
N PHE A 111 -7.35 30.73 -26.58
CA PHE A 111 -6.37 30.97 -27.64
C PHE A 111 -4.98 31.35 -27.17
N GLY A 112 -4.27 30.35 -26.64
CA GLY A 112 -2.88 30.49 -26.27
C GLY A 112 -2.16 29.22 -26.69
N GLY A 113 -1.11 29.38 -27.49
CA GLY A 113 -0.37 28.26 -28.04
C GLY A 113 -0.32 27.02 -27.15
N SER A 114 0.69 26.97 -26.29
CA SER A 114 0.91 25.78 -25.46
C SER A 114 0.14 25.79 -24.14
N VAL A 115 -0.70 24.79 -23.95
CA VAL A 115 -1.36 24.62 -22.66
C VAL A 115 -0.65 23.52 -21.91
N LYS A 116 -0.21 23.85 -20.70
CA LYS A 116 0.54 22.93 -19.85
C LYS A 116 -0.30 22.45 -18.70
N LEU A 117 0.12 21.35 -18.10
CA LEU A 117 -0.63 20.74 -17.01
C LEU A 117 0.31 19.92 -16.14
N ALA A 118 0.33 20.25 -14.85
CA ALA A 118 1.09 19.49 -13.88
C ALA A 118 0.13 18.83 -12.91
N LEU A 119 0.36 17.55 -12.62
CA LEU A 119 -0.48 16.84 -11.67
C LEU A 119 0.31 15.88 -10.79
N ALA A 120 -0.12 15.75 -9.53
CA ALA A 120 0.43 14.77 -8.60
C ALA A 120 -0.35 13.48 -8.70
N SER A 121 -0.60 13.05 -9.94
CA SER A 121 -1.31 11.82 -10.21
C SER A 121 -0.48 10.91 -11.12
N LEU A 122 -0.08 9.77 -10.57
CA LEU A 122 0.70 8.79 -11.29
C LEU A 122 -0.05 8.31 -12.54
N GLY A 123 -1.34 8.63 -12.59
CA GLY A 123 -2.18 8.26 -13.70
C GLY A 123 -1.93 9.19 -14.87
N TYR A 124 -1.58 10.43 -14.55
CA TYR A 124 -1.18 11.41 -15.55
C TYR A 124 0.12 10.95 -16.18
N GLU A 125 1.12 10.74 -15.32
CA GLU A 125 2.39 10.19 -15.74
C GLU A 125 2.23 8.98 -16.69
N LYS A 126 1.32 8.06 -16.35
CA LYS A 126 1.16 6.82 -17.07
C LYS A 126 0.63 7.05 -18.49
N SER A 127 -0.37 7.91 -18.60
CA SER A 127 -1.01 8.19 -19.86
C SER A 127 -0.09 8.91 -20.84
N CYS A 128 0.71 9.82 -20.31
CA CYS A 128 1.65 10.59 -21.09
C CYS A 128 2.82 9.76 -21.61
N VAL A 129 3.36 8.90 -20.76
CA VAL A 129 4.46 8.03 -21.14
C VAL A 129 3.96 7.12 -22.26
N LEU A 130 2.74 6.62 -22.11
CA LEU A 130 2.17 5.70 -23.09
C LEU A 130 1.85 6.40 -24.41
N PHE A 131 1.33 7.63 -24.34
CA PHE A 131 1.08 8.43 -25.52
C PHE A 131 2.37 8.67 -26.28
N ASN A 132 3.40 9.06 -25.54
CA ASN A 132 4.72 9.21 -26.15
C ASN A 132 5.25 7.91 -26.75
N CYS A 133 4.86 6.79 -26.15
CA CYS A 133 5.20 5.46 -26.64
C CYS A 133 4.51 5.19 -28.00
N ALA A 134 3.25 5.58 -28.10
CA ALA A 134 2.47 5.36 -29.31
C ALA A 134 2.97 6.29 -30.41
N ALA A 135 3.32 7.51 -30.04
CA ALA A 135 3.74 8.53 -30.99
C ALA A 135 5.07 8.16 -31.55
N LEU A 136 6.01 7.84 -30.70
CA LEU A 136 7.32 7.43 -31.17
C LEU A 136 7.22 6.21 -32.10
N ALA A 137 6.37 5.25 -31.71
CA ALA A 137 6.08 4.10 -32.56
C ALA A 137 5.50 4.55 -33.89
N SER A 138 4.62 5.54 -33.87
CA SER A 138 4.02 6.02 -35.10
C SER A 138 5.06 6.65 -36.03
N GLN A 139 6.03 7.37 -35.46
CA GLN A 139 7.08 7.99 -36.24
C GLN A 139 8.08 7.00 -36.83
N ILE A 140 8.32 5.92 -36.12
CA ILE A 140 9.24 4.90 -36.58
C ILE A 140 8.57 4.08 -37.68
N ALA A 141 7.27 3.84 -37.54
CA ALA A 141 6.48 3.19 -38.58
C ALA A 141 6.52 3.99 -39.88
N ALA A 142 6.27 5.29 -39.76
CA ALA A 142 6.21 6.20 -40.90
C ALA A 142 7.52 6.25 -41.70
N GLU A 143 8.61 5.84 -41.08
CA GLU A 143 9.92 5.88 -41.71
C GLU A 143 10.32 4.57 -42.36
N GLN A 144 9.59 3.50 -42.07
CA GLN A 144 9.91 2.19 -42.63
C GLN A 144 10.02 2.26 -44.14
N ASN A 145 10.85 1.40 -44.71
CA ASN A 145 10.92 1.25 -46.17
C ASN A 145 9.86 0.27 -46.64
N LEU A 146 8.76 0.78 -47.18
CA LEU A 146 7.64 -0.08 -47.53
C LEU A 146 7.82 -0.82 -48.87
N ASP A 147 9.07 -0.89 -49.32
CA ASP A 147 9.39 -1.60 -50.54
C ASP A 147 9.97 -2.98 -50.24
N ASN A 148 10.52 -3.14 -49.04
CA ASN A 148 11.05 -4.44 -48.64
C ASN A 148 10.22 -5.10 -47.55
N ASP A 149 10.41 -6.40 -47.39
CA ASP A 149 9.52 -7.22 -46.59
C ASP A 149 9.57 -6.91 -45.09
N GLU A 150 10.69 -6.39 -44.62
CA GLU A 150 10.83 -6.10 -43.19
C GLU A 150 10.40 -4.69 -42.86
N GLY A 151 10.54 -3.78 -43.80
CA GLY A 151 9.95 -2.46 -43.65
C GLY A 151 8.46 -2.58 -43.38
N LEU A 152 7.79 -3.42 -44.15
CA LEU A 152 6.36 -3.64 -43.99
C LEU A 152 6.01 -4.28 -42.64
N LYS A 153 6.81 -5.24 -42.21
CA LYS A 153 6.53 -5.96 -40.97
C LYS A 153 6.67 -5.02 -39.77
N ILE A 154 7.70 -4.18 -39.79
CA ILE A 154 7.91 -3.24 -38.70
C ILE A 154 6.84 -2.17 -38.68
N ALA A 155 6.47 -1.66 -39.86
CA ALA A 155 5.46 -0.61 -39.90
C ALA A 155 4.12 -1.14 -39.40
N ALA A 156 3.77 -2.34 -39.84
CA ALA A 156 2.49 -2.96 -39.47
C ALA A 156 2.42 -3.17 -37.95
N LYS A 157 3.54 -3.56 -37.35
CA LYS A 157 3.56 -3.87 -35.93
C LYS A 157 3.43 -2.61 -35.08
N HIS A 158 4.14 -1.56 -35.49
CA HIS A 158 4.10 -0.26 -34.83
C HIS A 158 2.80 0.53 -34.95
N TYR A 159 2.12 0.43 -36.09
CA TYR A 159 0.88 1.16 -36.28
C TYR A 159 -0.16 0.49 -35.41
N GLN A 160 -0.08 -0.83 -35.34
CA GLN A 160 -1.01 -1.59 -34.50
C GLN A 160 -0.74 -1.38 -33.02
N PHE A 161 0.52 -1.23 -32.66
CA PHE A 161 0.88 -0.94 -31.28
C PHE A 161 0.42 0.43 -30.91
N ALA A 162 0.70 1.42 -31.76
CA ALA A 162 0.25 2.77 -31.50
C ALA A 162 -1.26 2.85 -31.38
N SER A 163 -1.93 2.13 -32.26
CA SER A 163 -3.37 2.07 -32.23
C SER A 163 -3.84 1.55 -30.85
N GLY A 164 -3.28 0.43 -30.41
CA GLY A 164 -3.67 -0.16 -29.14
C GLY A 164 -3.35 0.71 -27.92
N ALA A 165 -2.21 1.41 -27.95
CA ALA A 165 -1.82 2.31 -26.89
C ALA A 165 -2.77 3.49 -26.81
N PHE A 166 -2.96 4.17 -27.93
CA PHE A 166 -3.90 5.29 -27.98
C PHE A 166 -5.28 4.85 -27.46
N LEU A 167 -5.74 3.68 -27.91
CA LEU A 167 -7.03 3.18 -27.46
C LEU A 167 -7.07 2.97 -25.93
N HIS A 168 -6.00 2.40 -25.39
CA HIS A 168 -5.92 2.14 -23.96
C HIS A 168 -6.03 3.44 -23.18
N ILE A 169 -5.25 4.43 -23.62
CA ILE A 169 -5.33 5.78 -23.10
C ILE A 169 -6.76 6.32 -23.18
N LYS A 170 -7.47 5.99 -24.24
CA LYS A 170 -8.82 6.50 -24.38
C LYS A 170 -9.72 5.91 -23.29
N GLU A 171 -9.42 4.69 -22.86
CA GLU A 171 -10.29 3.94 -21.96
C GLU A 171 -9.88 4.00 -20.48
N THR A 172 -8.85 4.77 -20.15
CA THR A 172 -8.35 4.81 -18.79
C THR A 172 -8.16 6.23 -18.32
N VAL A 173 -7.81 7.10 -19.25
CA VAL A 173 -7.28 8.43 -18.93
C VAL A 173 -8.06 9.19 -17.86
N LEU A 174 -9.39 9.09 -17.87
CA LEU A 174 -10.24 9.88 -16.99
C LEU A 174 -10.35 9.29 -15.58
N SER A 175 -10.61 7.98 -15.51
CA SER A 175 -10.61 7.32 -14.21
C SER A 175 -9.27 7.59 -13.55
N ALA A 176 -8.20 7.59 -14.36
CA ALA A 176 -6.84 7.81 -13.88
C ALA A 176 -6.53 9.26 -13.49
N LEU A 177 -7.39 10.19 -13.90
CA LEU A 177 -7.21 11.60 -13.57
C LEU A 177 -8.45 12.21 -12.91
N SER A 178 -8.24 12.99 -11.85
CA SER A 178 -9.35 13.69 -11.23
C SER A 178 -10.00 14.64 -12.23
N ARG A 179 -9.24 15.61 -12.69
CA ARG A 179 -9.74 16.69 -13.52
C ARG A 179 -9.69 16.35 -15.01
N GLU A 180 -9.83 17.39 -15.85
CA GLU A 180 -9.77 17.23 -17.29
C GLU A 180 -8.32 17.16 -17.78
N PRO A 181 -8.06 16.31 -18.78
CA PRO A 181 -6.78 16.19 -19.47
C PRO A 181 -6.52 17.32 -20.50
N THR A 182 -5.26 17.55 -20.83
CA THR A 182 -4.95 18.35 -22.00
C THR A 182 -5.62 17.65 -23.20
N VAL A 183 -5.86 18.38 -24.28
CA VAL A 183 -6.57 17.86 -25.45
C VAL A 183 -5.96 16.59 -26.03
N ASP A 184 -4.66 16.63 -26.26
CA ASP A 184 -3.97 15.54 -26.96
C ASP A 184 -4.35 14.17 -26.41
N ILE A 185 -4.57 14.10 -25.10
CA ILE A 185 -4.79 12.82 -24.46
C ILE A 185 -6.24 12.58 -24.02
N SER A 186 -7.14 13.49 -24.42
CA SER A 186 -8.55 13.34 -24.10
C SER A 186 -9.11 12.17 -24.88
N PRO A 187 -10.08 11.46 -24.29
CA PRO A 187 -10.59 10.24 -24.91
C PRO A 187 -10.92 10.36 -26.40
N ASP A 188 -11.43 11.50 -26.85
CA ASP A 188 -11.83 11.63 -28.23
C ASP A 188 -10.63 11.80 -29.15
N THR A 189 -9.69 12.65 -28.77
CA THR A 189 -8.49 12.80 -29.56
C THR A 189 -7.74 11.47 -29.71
N VAL A 190 -7.70 10.68 -28.65
CA VAL A 190 -6.90 9.47 -28.64
C VAL A 190 -7.67 8.35 -29.33
N GLY A 191 -8.99 8.49 -29.39
CA GLY A 191 -9.81 7.53 -30.10
C GLY A 191 -9.63 7.68 -31.61
N THR A 192 -9.48 8.92 -32.06
CA THR A 192 -9.30 9.20 -33.46
C THR A 192 -7.92 8.80 -33.89
N LEU A 193 -6.93 9.07 -33.05
CA LEU A 193 -5.56 8.71 -33.40
C LEU A 193 -5.39 7.21 -33.48
N SER A 194 -6.13 6.49 -32.63
CA SER A 194 -6.06 5.04 -32.60
C SER A 194 -6.61 4.44 -33.88
N LEU A 195 -7.54 5.17 -34.47
CA LEU A 195 -8.22 4.69 -35.65
C LEU A 195 -7.39 5.05 -36.88
N ILE A 196 -6.82 6.24 -36.85
CA ILE A 196 -5.85 6.61 -37.87
C ILE A 196 -4.72 5.58 -37.96
N MET A 197 -4.15 5.23 -36.80
CA MET A 197 -3.06 4.25 -36.76
C MET A 197 -3.51 2.86 -37.27
N LEU A 198 -4.74 2.49 -36.95
CA LEU A 198 -5.28 1.21 -37.40
C LEU A 198 -5.48 1.26 -38.95
N ALA A 199 -6.05 2.36 -39.46
CA ALA A 199 -6.17 2.61 -40.89
C ALA A 199 -4.82 2.43 -41.61
N GLN A 200 -3.79 3.14 -41.12
CA GLN A 200 -2.45 3.04 -41.72
C GLN A 200 -1.80 1.65 -41.67
N ALA A 201 -2.24 0.81 -40.74
CA ALA A 201 -1.74 -0.55 -40.65
C ALA A 201 -2.46 -1.42 -41.69
N GLN A 202 -3.74 -1.13 -41.90
CA GLN A 202 -4.48 -1.77 -42.96
C GLN A 202 -3.81 -1.36 -44.30
N GLU A 203 -3.51 -0.08 -44.45
CA GLU A 203 -2.82 0.34 -45.63
C GLU A 203 -1.58 -0.50 -45.90
N VAL A 204 -0.71 -0.63 -44.90
CA VAL A 204 0.51 -1.45 -45.02
C VAL A 204 0.23 -2.86 -45.52
N PHE A 205 -0.85 -3.45 -45.04
CA PHE A 205 -1.23 -4.78 -45.50
C PHE A 205 -1.75 -4.77 -46.96
N PHE A 206 -2.46 -3.72 -47.33
CA PHE A 206 -2.84 -3.49 -48.69
C PHE A 206 -1.57 -3.45 -49.54
N LEU A 207 -0.54 -2.75 -49.06
CA LEU A 207 0.72 -2.66 -49.80
C LEU A 207 1.48 -3.99 -49.92
N LYS A 208 1.43 -4.83 -48.89
CA LYS A 208 2.05 -6.14 -48.99
C LYS A 208 1.33 -6.97 -50.01
N ALA A 209 0.00 -7.01 -49.89
CA ALA A 209 -0.85 -7.73 -50.83
C ALA A 209 -0.43 -7.35 -52.24
N THR A 210 -0.22 -6.05 -52.46
CA THR A 210 0.20 -5.55 -53.76
C THR A 210 1.57 -6.06 -54.17
N ARG A 211 2.58 -5.78 -53.34
CA ARG A 211 3.95 -6.22 -53.63
C ARG A 211 4.02 -7.74 -53.90
N ASP A 212 3.21 -8.51 -53.18
CA ASP A 212 3.16 -9.95 -53.37
C ASP A 212 2.31 -10.43 -54.56
N LYS A 213 1.76 -9.49 -55.31
CA LYS A 213 0.89 -9.76 -56.47
C LYS A 213 -0.24 -10.73 -56.17
N MET A 214 -1.04 -10.43 -55.14
CA MET A 214 -2.18 -11.27 -54.81
C MET A 214 -3.39 -11.00 -55.71
N LYS A 215 -4.39 -11.86 -55.63
CA LYS A 215 -5.60 -11.75 -56.43
C LYS A 215 -6.23 -10.38 -56.27
N ASP A 216 -6.69 -9.81 -57.38
CA ASP A 216 -7.30 -8.50 -57.32
C ASP A 216 -8.50 -8.44 -56.38
N ALA A 217 -9.23 -9.54 -56.28
CA ALA A 217 -10.35 -9.64 -55.36
C ALA A 217 -9.91 -9.38 -53.90
N ILE A 218 -8.78 -9.95 -53.51
CA ILE A 218 -8.21 -9.70 -52.19
C ILE A 218 -7.78 -8.24 -52.06
N ILE A 219 -6.94 -7.79 -52.98
CA ILE A 219 -6.39 -6.44 -52.87
C ILE A 219 -7.51 -5.42 -52.78
N ALA A 220 -8.60 -5.66 -53.52
CA ALA A 220 -9.72 -4.73 -53.51
C ALA A 220 -10.36 -4.64 -52.13
N LYS A 221 -10.52 -5.79 -51.47
CA LYS A 221 -11.18 -5.84 -50.16
C LYS A 221 -10.30 -5.24 -49.08
N LEU A 222 -9.00 -5.45 -49.18
CA LEU A 222 -8.07 -4.84 -48.28
C LEU A 222 -8.07 -3.34 -48.40
N ALA A 223 -8.21 -2.85 -49.62
CA ALA A 223 -8.08 -1.41 -49.84
C ALA A 223 -9.38 -0.79 -49.42
N ASN A 224 -10.44 -1.56 -49.52
CA ASN A 224 -11.75 -1.01 -49.22
C ASN A 224 -11.90 -0.84 -47.71
N GLN A 225 -11.52 -1.88 -46.97
CA GLN A 225 -11.40 -1.83 -45.51
C GLN A 225 -10.59 -0.61 -45.02
N ALA A 226 -9.34 -0.47 -45.47
CA ALA A 226 -8.57 0.74 -45.23
C ALA A 226 -9.35 2.03 -45.47
N ALA A 227 -10.23 2.05 -46.46
CA ALA A 227 -10.93 3.28 -46.84
C ALA A 227 -12.01 3.57 -45.82
N ASP A 228 -12.56 2.50 -45.32
CA ASP A 228 -13.59 2.53 -44.33
C ASP A 228 -12.93 3.11 -43.03
N TYR A 229 -11.73 2.65 -42.70
CA TYR A 229 -11.05 3.14 -41.51
C TYR A 229 -10.76 4.62 -41.70
N PHE A 230 -10.15 4.97 -42.83
CA PHE A 230 -9.74 6.36 -43.05
C PHE A 230 -10.95 7.25 -43.10
N GLY A 231 -12.09 6.70 -43.49
CA GLY A 231 -13.29 7.50 -43.64
C GLY A 231 -13.95 7.81 -42.30
N ASP A 232 -13.92 6.84 -41.41
CA ASP A 232 -14.41 7.04 -40.06
C ASP A 232 -13.52 8.04 -39.32
N ALA A 233 -12.21 7.89 -39.42
CA ALA A 233 -11.32 8.88 -38.83
C ALA A 233 -11.58 10.25 -39.42
N PHE A 234 -11.80 10.31 -40.73
CA PHE A 234 -12.11 11.57 -41.37
C PHE A 234 -13.32 12.20 -40.73
N LYS A 235 -14.40 11.42 -40.63
CA LYS A 235 -15.66 11.91 -40.10
C LYS A 235 -15.49 12.49 -38.69
N GLN A 236 -14.82 11.75 -37.83
CA GLN A 236 -14.60 12.18 -36.47
C GLN A 236 -13.90 13.53 -36.45
N CYS A 237 -12.97 13.74 -37.37
CA CYS A 237 -12.27 15.02 -37.44
C CYS A 237 -13.08 16.11 -38.12
N GLN A 238 -14.22 15.76 -38.71
CA GLN A 238 -14.87 16.76 -39.54
C GLN A 238 -15.41 17.91 -38.73
N TYR A 239 -15.94 17.63 -37.55
CA TYR A 239 -16.53 18.71 -36.75
C TYR A 239 -15.87 18.98 -35.39
N LYS A 240 -14.71 18.38 -35.16
CA LYS A 240 -13.82 18.74 -34.05
C LYS A 240 -12.39 18.89 -34.56
N ASP A 241 -11.74 20.00 -34.29
CA ASP A 241 -10.38 20.18 -34.83
C ASP A 241 -9.34 20.21 -33.73
N THR A 242 -8.97 19.02 -33.30
CA THR A 242 -8.08 18.88 -32.18
C THR A 242 -6.77 18.24 -32.60
N LEU A 243 -6.70 17.83 -33.86
CA LEU A 243 -5.45 17.31 -34.41
C LEU A 243 -4.69 18.36 -35.21
N PRO A 244 -3.39 18.15 -35.38
CA PRO A 244 -2.60 19.12 -36.16
C PRO A 244 -3.21 19.40 -37.53
N LYS A 245 -2.72 20.46 -38.17
CA LYS A 245 -3.35 21.02 -39.37
C LYS A 245 -3.29 20.12 -40.61
N GLU A 246 -2.20 19.37 -40.75
CA GLU A 246 -1.96 18.57 -41.92
C GLU A 246 -2.64 17.22 -41.84
N VAL A 247 -3.18 16.92 -40.67
CA VAL A 247 -3.80 15.62 -40.49
C VAL A 247 -5.11 15.51 -41.26
N PHE A 248 -5.86 16.60 -41.30
CA PHE A 248 -7.18 16.60 -41.92
C PHE A 248 -7.15 16.34 -43.44
N PRO A 249 -6.40 17.16 -44.20
CA PRO A 249 -6.23 16.94 -45.63
C PRO A 249 -5.68 15.55 -45.96
N VAL A 250 -4.59 15.16 -45.31
CA VAL A 250 -4.04 13.82 -45.48
C VAL A 250 -5.07 12.68 -45.29
N LEU A 251 -5.91 12.74 -44.27
CA LEU A 251 -6.95 11.74 -44.10
C LEU A 251 -7.93 11.73 -45.26
N ALA A 252 -8.35 12.92 -45.68
CA ALA A 252 -9.25 13.05 -46.82
C ALA A 252 -8.60 12.39 -48.06
N ALA A 253 -7.39 12.82 -48.38
CA ALA A 253 -6.59 12.22 -49.45
C ALA A 253 -6.56 10.69 -49.41
N LYS A 254 -6.12 10.10 -48.29
CA LYS A 254 -5.92 8.65 -48.22
C LYS A 254 -7.24 7.90 -48.27
N HIS A 255 -8.29 8.52 -47.77
CA HIS A 255 -9.62 7.98 -47.93
C HIS A 255 -9.94 7.76 -49.42
N CYS A 256 -9.79 8.82 -50.22
CA CYS A 256 -10.00 8.79 -51.67
C CYS A 256 -9.07 7.83 -52.41
N ILE A 257 -7.78 7.92 -52.14
CA ILE A 257 -6.82 7.06 -52.79
C ILE A 257 -7.08 5.60 -52.50
N MET A 258 -7.71 5.29 -51.37
CA MET A 258 -7.97 3.90 -51.00
C MET A 258 -9.28 3.41 -51.60
N GLN A 259 -10.28 4.28 -51.66
CA GLN A 259 -11.47 4.00 -52.46
C GLN A 259 -11.11 3.73 -53.94
N ALA A 260 -10.17 4.52 -54.50
CA ALA A 260 -9.78 4.39 -55.90
C ALA A 260 -9.10 3.06 -56.12
N ASN A 261 -8.11 2.74 -55.26
CA ASN A 261 -7.46 1.44 -55.33
C ASN A 261 -8.45 0.29 -55.25
N ALA A 262 -9.51 0.47 -54.49
CA ALA A 262 -10.50 -0.58 -54.36
C ALA A 262 -11.25 -0.66 -55.67
N GLU A 263 -11.60 0.49 -56.22
CA GLU A 263 -12.32 0.54 -57.49
C GLU A 263 -11.50 -0.12 -58.60
N TYR A 264 -10.24 0.29 -58.70
CA TYR A 264 -9.37 -0.16 -59.76
C TYR A 264 -9.17 -1.68 -59.71
N HIS A 265 -8.99 -2.24 -58.52
CA HIS A 265 -8.80 -3.69 -58.42
C HIS A 265 -10.06 -4.48 -58.68
N GLN A 266 -11.19 -3.97 -58.22
CA GLN A 266 -12.48 -4.59 -58.51
C GLN A 266 -12.79 -4.49 -60.01
N SER A 267 -12.25 -3.48 -60.69
CA SER A 267 -12.58 -3.28 -62.08
C SER A 267 -11.89 -4.37 -62.88
N ILE A 268 -10.65 -4.70 -62.50
CA ILE A 268 -9.91 -5.82 -63.07
C ILE A 268 -10.67 -7.13 -62.90
N LEU A 269 -11.39 -7.25 -61.81
CA LEU A 269 -12.11 -8.49 -61.56
C LEU A 269 -13.32 -8.55 -62.48
N ALA A 270 -13.95 -7.40 -62.68
CA ALA A 270 -15.10 -7.27 -63.56
C ALA A 270 -14.78 -7.63 -65.03
N LYS A 271 -13.64 -7.15 -65.52
CA LYS A 271 -13.21 -7.41 -66.87
C LYS A 271 -12.86 -8.88 -67.05
N GLN A 272 -12.29 -9.49 -66.02
CA GLN A 272 -12.01 -10.92 -66.05
C GLN A 272 -13.30 -11.73 -66.04
N GLN A 273 -14.41 -11.06 -65.78
CA GLN A 273 -15.68 -11.76 -65.78
C GLN A 273 -16.57 -11.29 -66.94
N TYR A 274 -16.00 -10.49 -67.85
CA TYR A 274 -16.73 -9.97 -69.02
C TYR A 274 -17.81 -8.95 -68.63
N TYR A 275 -17.75 -8.45 -67.41
CA TYR A 275 -18.62 -7.34 -67.02
C TYR A 275 -17.98 -6.03 -67.47
N PHE A 276 -17.90 -5.83 -68.79
CA PHE A 276 -17.17 -4.70 -69.37
C PHE A 276 -17.72 -3.33 -69.00
N GLY A 277 -19.02 -3.24 -68.78
CA GLY A 277 -19.66 -1.98 -68.45
C GLY A 277 -19.29 -1.59 -67.02
N GLU A 278 -19.32 -2.58 -66.13
CA GLU A 278 -18.88 -2.35 -64.78
C GLU A 278 -17.41 -1.93 -64.76
N GLU A 279 -16.56 -2.64 -65.52
CA GLU A 279 -15.15 -2.32 -65.48
C GLU A 279 -14.94 -0.85 -65.70
N ILE A 280 -15.60 -0.35 -66.74
CA ILE A 280 -15.50 1.06 -67.11
C ILE A 280 -16.06 1.99 -66.06
N ALA A 281 -17.20 1.61 -65.47
CA ALA A 281 -17.85 2.44 -64.47
C ALA A 281 -16.94 2.61 -63.25
N ARG A 282 -16.32 1.52 -62.82
CA ARG A 282 -15.42 1.53 -61.68
C ARG A 282 -14.14 2.33 -61.91
N LEU A 283 -13.57 2.23 -63.12
CA LEU A 283 -12.38 3.01 -63.50
C LEU A 283 -12.70 4.50 -63.56
N GLN A 284 -13.90 4.83 -64.01
CA GLN A 284 -14.29 6.22 -64.09
C GLN A 284 -14.35 6.78 -62.68
N HIS A 285 -14.98 6.04 -61.79
CA HIS A 285 -15.02 6.39 -60.39
C HIS A 285 -13.60 6.56 -59.82
N ALA A 286 -12.73 5.58 -60.04
CA ALA A 286 -11.33 5.70 -59.63
C ALA A 286 -10.67 6.95 -60.18
N ALA A 287 -10.91 7.26 -61.45
CA ALA A 287 -10.29 8.43 -62.08
C ALA A 287 -10.81 9.74 -61.49
N GLU A 288 -12.12 9.79 -61.28
CA GLU A 288 -12.75 10.92 -60.60
C GLU A 288 -12.04 11.17 -59.24
N LEU A 289 -11.97 10.14 -58.40
CA LEU A 289 -11.32 10.27 -57.09
C LEU A 289 -9.87 10.74 -57.19
N ILE A 290 -9.06 10.03 -57.97
CA ILE A 290 -7.65 10.38 -58.07
C ILE A 290 -7.46 11.75 -58.68
N LYS A 291 -8.37 12.15 -59.55
CA LYS A 291 -8.27 13.46 -60.15
C LYS A 291 -8.44 14.55 -59.11
N THR A 292 -9.41 14.39 -58.21
CA THR A 292 -9.69 15.38 -57.16
C THR A 292 -8.55 15.48 -56.16
N VAL A 293 -8.02 14.32 -55.78
CA VAL A 293 -6.87 14.24 -54.90
C VAL A 293 -5.67 14.97 -55.48
N ALA A 294 -5.38 14.71 -56.76
CA ALA A 294 -4.22 15.27 -57.41
C ALA A 294 -4.25 16.79 -57.44
N SER A 295 -5.45 17.36 -57.50
CA SER A 295 -5.57 18.80 -57.64
C SER A 295 -5.87 19.52 -56.32
N ARG A 296 -6.43 18.81 -55.37
CA ARG A 296 -6.79 19.46 -54.10
C ARG A 296 -5.77 19.15 -53.00
N TYR A 297 -5.06 18.03 -53.10
CA TYR A 297 -4.08 17.67 -52.07
C TYR A 297 -2.69 17.37 -52.61
N ASP A 298 -2.31 18.06 -53.70
CA ASP A 298 -1.01 17.87 -54.34
C ASP A 298 0.11 18.18 -53.38
N GLU A 299 -0.21 18.99 -52.37
CA GLU A 299 0.74 19.33 -51.33
C GLU A 299 1.13 18.13 -50.46
N TYR A 300 0.19 17.19 -50.26
CA TYR A 300 0.42 16.07 -49.36
C TYR A 300 0.60 14.75 -50.06
N VAL A 301 0.14 14.66 -51.29
CA VAL A 301 0.12 13.35 -51.92
C VAL A 301 0.69 13.36 -53.33
N ASN A 302 1.36 12.28 -53.70
CA ASN A 302 1.70 12.05 -55.12
C ASN A 302 0.98 10.84 -55.73
N VAL A 303 0.10 11.10 -56.71
CA VAL A 303 -0.73 10.05 -57.30
C VAL A 303 -0.54 9.81 -58.79
N LYS A 304 0.48 10.43 -59.39
CA LYS A 304 0.60 10.40 -60.86
C LYS A 304 0.66 9.01 -61.48
N ASP A 305 1.53 8.17 -60.95
CA ASP A 305 1.62 6.81 -61.48
C ASP A 305 0.26 6.13 -61.43
N PHE A 306 -0.43 6.29 -60.31
CA PHE A 306 -1.73 5.65 -60.16
C PHE A 306 -2.72 6.23 -61.18
N SER A 307 -2.66 7.55 -61.39
CA SER A 307 -3.52 8.23 -62.37
C SER A 307 -3.30 7.76 -63.80
N ASP A 308 -2.02 7.52 -64.14
CA ASP A 308 -1.66 7.05 -65.47
C ASP A 308 -2.12 5.63 -65.69
N LYS A 309 -1.84 4.76 -64.73
CA LYS A 309 -2.27 3.37 -64.78
C LYS A 309 -3.79 3.21 -64.91
N ILE A 310 -4.54 4.14 -64.32
CA ILE A 310 -5.99 4.11 -64.40
C ILE A 310 -6.38 4.57 -65.79
N ASN A 311 -5.81 5.69 -66.22
CA ASN A 311 -6.11 6.24 -67.52
C ASN A 311 -5.88 5.30 -68.69
N ARG A 312 -4.77 4.54 -68.64
CA ARG A 312 -4.49 3.50 -69.62
C ARG A 312 -5.57 2.44 -69.57
N ALA A 313 -5.90 1.96 -68.37
CA ALA A 313 -6.93 0.93 -68.24
C ALA A 313 -8.29 1.43 -68.68
N LEU A 314 -8.62 2.69 -68.37
CA LEU A 314 -9.91 3.22 -68.82
C LEU A 314 -9.93 3.38 -70.35
N ALA A 315 -8.87 3.94 -70.91
CA ALA A 315 -8.81 4.17 -72.36
C ALA A 315 -9.01 2.86 -73.12
N ALA A 316 -8.22 1.86 -72.74
CA ALA A 316 -8.27 0.57 -73.38
C ALA A 316 -9.60 -0.12 -73.12
N ALA A 317 -10.18 0.07 -71.95
CA ALA A 317 -11.45 -0.59 -71.67
C ALA A 317 -12.52 -0.01 -72.58
N LYS A 318 -12.49 1.30 -72.77
CA LYS A 318 -13.43 2.02 -73.63
C LYS A 318 -13.30 1.71 -75.14
N LYS A 319 -12.08 1.41 -75.58
CA LYS A 319 -11.80 1.03 -76.95
C LYS A 319 -12.42 -0.34 -77.31
N ASP A 320 -12.16 -1.35 -76.47
CA ASP A 320 -12.78 -2.64 -76.64
C ASP A 320 -14.29 -2.53 -76.56
N ASN A 321 -14.78 -1.56 -75.82
CA ASN A 321 -16.22 -1.57 -75.57
C ASN A 321 -16.97 -0.78 -76.63
N ASP A 322 -16.36 0.31 -77.08
CA ASP A 322 -16.96 1.13 -78.10
C ASP A 322 -17.02 0.36 -79.42
N PHE A 323 -15.96 -0.40 -79.71
CA PHE A 323 -15.83 -1.13 -80.97
C PHE A 323 -16.30 -2.58 -80.93
N ILE A 324 -15.93 -3.32 -79.90
CA ILE A 324 -16.20 -4.76 -79.89
C ILE A 324 -17.42 -5.18 -79.07
N TYR A 325 -17.35 -4.97 -77.75
CA TYR A 325 -18.31 -5.53 -76.79
C TYR A 325 -19.64 -4.80 -76.74
N HIS A 326 -19.62 -3.48 -76.88
CA HIS A 326 -20.81 -2.67 -76.75
C HIS A 326 -21.66 -2.96 -75.52
N ASP A 327 -21.00 -3.15 -74.37
CA ASP A 327 -21.66 -3.37 -73.08
C ASP A 327 -22.12 -2.06 -72.46
N ARG A 328 -23.34 -2.03 -71.93
CA ARG A 328 -23.85 -0.82 -71.27
C ARG A 328 -23.11 -0.54 -69.96
N VAL A 329 -22.74 0.73 -69.77
CA VAL A 329 -22.07 1.20 -68.57
C VAL A 329 -23.07 1.60 -67.50
N PRO A 330 -23.04 0.91 -66.36
CA PRO A 330 -23.95 1.11 -65.22
C PRO A 330 -23.74 2.43 -64.50
N ASP A 331 -24.80 2.95 -63.86
CA ASP A 331 -24.66 3.99 -62.84
C ASP A 331 -24.03 3.35 -61.61
N LEU A 332 -23.28 4.15 -60.84
CA LEU A 332 -22.61 3.62 -59.64
C LEU A 332 -23.58 3.17 -58.56
N LYS A 333 -24.67 3.90 -58.42
CA LYS A 333 -25.73 3.57 -57.47
C LYS A 333 -26.16 2.12 -57.65
N ASP A 334 -25.96 1.59 -58.86
CA ASP A 334 -26.44 0.24 -59.18
C ASP A 334 -25.43 -0.92 -59.01
N LEU A 335 -24.15 -0.63 -58.79
CA LEU A 335 -23.17 -1.67 -58.49
C LEU A 335 -23.31 -2.29 -57.08
N ASP A 336 -22.88 -3.54 -56.94
CA ASP A 336 -22.76 -4.17 -55.62
C ASP A 336 -21.63 -3.54 -54.80
N PRO A 337 -21.80 -3.48 -53.47
CA PRO A 337 -20.70 -3.04 -52.61
C PRO A 337 -19.47 -3.91 -52.87
N ILE A 338 -18.29 -3.33 -52.75
CA ILE A 338 -17.09 -4.16 -52.65
C ILE A 338 -17.03 -4.63 -51.20
N GLY A 339 -16.52 -5.84 -50.97
CA GLY A 339 -16.44 -6.31 -49.60
C GLY A 339 -15.36 -5.59 -48.80
N LYS A 340 -15.14 -6.07 -47.57
CA LYS A 340 -14.08 -5.54 -46.69
C LYS A 340 -13.37 -6.68 -45.98
N ALA A 341 -12.05 -6.59 -45.87
CA ALA A 341 -11.31 -7.60 -45.16
C ALA A 341 -10.23 -6.92 -44.33
N THR A 342 -10.29 -7.10 -43.01
CA THR A 342 -9.34 -6.47 -42.10
C THR A 342 -8.33 -7.51 -41.65
N LEU A 343 -7.06 -7.10 -41.58
CA LEU A 343 -6.00 -8.02 -41.18
C LEU A 343 -5.30 -7.41 -39.97
N VAL A 344 -5.92 -6.37 -39.43
CA VAL A 344 -5.34 -5.62 -38.35
C VAL A 344 -6.17 -5.56 -37.06
N LYS A 345 -5.43 -5.44 -35.96
CA LYS A 345 -5.98 -5.39 -34.61
C LYS A 345 -5.21 -4.34 -33.84
N SER A 346 -5.93 -3.46 -33.18
CA SER A 346 -5.25 -2.52 -32.32
C SER A 346 -4.74 -3.30 -31.09
N THR A 347 -3.43 -3.27 -30.84
CA THR A 347 -2.78 -4.14 -29.89
C THR A 347 -3.04 -3.76 -28.42
N PRO A 348 -3.52 -4.73 -27.63
CA PRO A 348 -3.80 -4.53 -26.20
C PRO A 348 -2.54 -4.21 -25.44
N VAL A 349 -2.64 -3.27 -24.49
CA VAL A 349 -1.53 -2.95 -23.58
C VAL A 349 -1.51 -3.89 -22.36
N ASN A 350 -0.54 -4.78 -22.32
CA ASN A 350 -0.38 -5.70 -21.19
C ASN A 350 1.05 -5.68 -20.69
N VAL A 351 1.33 -4.75 -19.78
CA VAL A 351 2.64 -4.68 -19.15
C VAL A 351 3.08 -6.10 -18.79
N PRO A 352 4.33 -6.44 -19.11
CA PRO A 352 5.33 -5.53 -19.67
C PRO A 352 5.27 -5.41 -21.21
N ILE A 353 5.25 -4.17 -21.71
CA ILE A 353 5.31 -3.94 -23.13
C ILE A 353 6.77 -3.83 -23.62
N SER A 354 7.69 -3.61 -22.69
CA SER A 354 9.12 -3.62 -23.01
C SER A 354 9.65 -5.04 -23.01
N GLN A 355 10.70 -5.27 -23.79
CA GLN A 355 11.32 -6.59 -23.82
C GLN A 355 12.40 -6.74 -22.73
N LYS A 356 12.45 -7.94 -22.15
CA LYS A 356 13.35 -8.24 -21.04
C LYS A 356 13.11 -7.31 -19.87
N PHE A 357 11.87 -7.22 -19.43
CA PHE A 357 11.56 -6.38 -18.30
C PHE A 357 11.95 -7.02 -16.99
N THR A 358 12.42 -6.19 -16.06
CA THR A 358 12.79 -6.62 -14.71
C THR A 358 12.34 -5.57 -13.70
N ASP A 359 11.50 -5.96 -12.74
CA ASP A 359 10.90 -4.97 -11.87
C ASP A 359 11.79 -4.60 -10.69
N LEU A 360 12.32 -3.37 -10.72
CA LEU A 360 13.23 -2.87 -9.69
C LEU A 360 12.74 -3.08 -8.26
N PHE A 361 11.42 -3.01 -8.08
CA PHE A 361 10.80 -3.02 -6.77
C PHE A 361 9.96 -4.28 -6.56
N GLU A 362 10.33 -5.36 -7.27
CA GLU A 362 9.62 -6.63 -7.19
C GLU A 362 9.48 -7.13 -5.76
N LYS A 363 10.54 -6.95 -4.98
CA LYS A 363 10.58 -7.46 -3.62
C LYS A 363 9.79 -6.57 -2.65
N MET A 364 9.64 -5.31 -3.02
CA MET A 364 8.90 -4.40 -2.16
C MET A 364 7.47 -4.88 -2.00
N VAL A 365 6.98 -4.84 -0.77
CA VAL A 365 5.65 -5.35 -0.46
C VAL A 365 4.57 -4.35 -0.83
N PRO A 366 3.56 -4.82 -1.57
CA PRO A 366 2.37 -4.01 -1.82
C PRO A 366 1.91 -3.27 -0.56
N VAL A 367 1.76 -1.96 -0.72
CA VAL A 367 1.28 -1.09 0.34
C VAL A 367 -0.04 -1.54 0.96
N SER A 368 -0.86 -2.28 0.21
CA SER A 368 -2.15 -2.74 0.70
C SER A 368 -2.00 -3.93 1.63
N VAL A 369 -0.84 -4.59 1.52
CA VAL A 369 -0.51 -5.75 2.31
C VAL A 369 0.07 -5.31 3.67
N GLN A 370 0.97 -4.34 3.62
CA GLN A 370 1.55 -3.78 4.84
C GLN A 370 0.50 -3.07 5.70
N GLN A 371 -0.50 -2.48 5.05
CA GLN A 371 -1.59 -1.85 5.79
C GLN A 371 -2.52 -2.89 6.43
N SER A 372 -2.71 -4.02 5.77
CA SER A 372 -3.54 -5.08 6.32
C SER A 372 -2.80 -5.89 7.39
N LEU A 373 -1.47 -5.83 7.37
CA LEU A 373 -0.66 -6.48 8.38
C LEU A 373 -0.73 -5.69 9.67
N ALA A 374 -0.56 -4.38 9.57
CA ALA A 374 -0.65 -3.52 10.74
C ALA A 374 -2.05 -3.58 11.31
N ALA A 375 -3.05 -3.39 10.48
CA ALA A 375 -4.42 -3.51 10.97
C ALA A 375 -4.63 -4.81 11.74
N TYR A 376 -3.99 -5.89 11.26
CA TYR A 376 -4.13 -7.21 11.87
C TYR A 376 -3.51 -7.29 13.26
N ASN A 377 -2.40 -6.59 13.47
CA ASN A 377 -1.72 -6.61 14.75
C ASN A 377 -2.42 -5.81 15.83
N GLN A 378 -2.95 -4.65 15.48
CA GLN A 378 -3.84 -3.92 16.39
C GLN A 378 -5.04 -4.77 16.77
N ARG A 379 -5.41 -5.74 15.92
CA ARG A 379 -6.53 -6.62 16.21
C ARG A 379 -6.10 -7.79 17.09
N LYS A 380 -4.85 -8.21 16.92
CA LYS A 380 -4.31 -9.35 17.65
C LYS A 380 -3.88 -8.94 19.07
N ALA A 381 -3.25 -7.78 19.17
CA ALA A 381 -2.91 -7.21 20.47
C ALA A 381 -4.19 -7.12 21.30
N ASP A 382 -5.23 -6.56 20.68
CA ASP A 382 -6.50 -6.41 21.39
C ASP A 382 -7.03 -7.74 21.91
N LEU A 383 -7.02 -8.75 21.04
CA LEU A 383 -7.38 -10.10 21.45
C LEU A 383 -6.59 -10.59 22.66
N VAL A 384 -5.28 -10.36 22.65
CA VAL A 384 -4.41 -10.99 23.63
C VAL A 384 -4.44 -10.24 24.94
N ASN A 385 -4.24 -8.92 24.87
CA ASN A 385 -4.35 -8.07 26.02
C ASN A 385 -5.68 -8.24 26.73
N ARG A 386 -6.77 -8.13 25.98
CA ARG A 386 -8.09 -8.29 26.56
C ARG A 386 -8.14 -9.56 27.39
N SER A 387 -7.94 -10.70 26.73
CA SER A 387 -7.95 -12.00 27.42
C SER A 387 -7.08 -11.98 28.67
N ILE A 388 -5.86 -11.44 28.52
CA ILE A 388 -4.92 -11.46 29.62
C ILE A 388 -5.37 -10.59 30.79
N ALA A 389 -5.70 -9.33 30.51
CA ALA A 389 -6.18 -8.42 31.54
C ALA A 389 -7.43 -8.96 32.19
N GLN A 390 -8.33 -9.54 31.41
CA GLN A 390 -9.53 -10.12 31.98
C GLN A 390 -9.16 -11.13 33.06
N MET A 391 -8.18 -11.98 32.76
CA MET A 391 -7.80 -13.06 33.65
C MET A 391 -7.19 -12.53 34.96
N ARG A 392 -6.19 -11.67 34.82
CA ARG A 392 -5.53 -11.11 35.97
C ARG A 392 -6.55 -10.51 36.92
N GLU A 393 -7.31 -9.52 36.45
CA GLU A 393 -8.40 -8.94 37.24
C GLU A 393 -9.22 -9.98 38.00
N ALA A 394 -9.54 -11.08 37.33
CA ALA A 394 -10.32 -12.14 37.96
C ALA A 394 -9.52 -12.85 39.08
N THR A 395 -8.22 -12.99 38.89
CA THR A 395 -7.39 -13.64 39.88
C THR A 395 -7.23 -12.69 41.08
N THR A 396 -6.95 -11.43 40.79
CA THR A 396 -6.92 -10.39 41.81
C THR A 396 -8.18 -10.42 42.67
N LEU A 397 -9.34 -10.56 42.03
CA LEU A 397 -10.60 -10.56 42.73
C LEU A 397 -10.74 -11.77 43.67
N ALA A 398 -10.38 -12.94 43.15
CA ALA A 398 -10.55 -14.17 43.91
C ALA A 398 -9.61 -14.24 45.11
N ASN A 399 -8.37 -13.80 44.92
CA ASN A 399 -7.39 -13.72 45.98
C ASN A 399 -7.83 -12.76 47.09
N GLY A 400 -8.41 -11.63 46.67
CA GLY A 400 -8.92 -10.65 47.60
C GLY A 400 -10.14 -11.18 48.33
N VAL A 401 -10.92 -12.01 47.68
CA VAL A 401 -12.08 -12.56 48.36
C VAL A 401 -11.64 -13.60 49.40
N LEU A 402 -10.82 -14.56 48.99
CA LEU A 402 -10.31 -15.58 49.92
C LEU A 402 -9.66 -14.99 51.18
N ALA A 403 -8.94 -13.90 51.01
CA ALA A 403 -8.32 -13.20 52.11
C ALA A 403 -9.44 -12.71 53.01
N SER A 404 -10.40 -12.04 52.39
CA SER A 404 -11.60 -11.56 53.04
C SER A 404 -12.26 -12.65 53.89
N LEU A 405 -12.00 -13.92 53.56
CA LEU A 405 -12.59 -15.01 54.33
C LEU A 405 -11.58 -15.78 55.18
N ASN A 406 -10.34 -15.33 55.19
CA ASN A 406 -9.32 -16.07 55.90
C ASN A 406 -9.19 -17.46 55.33
N LEU A 407 -9.29 -17.55 54.00
CA LEU A 407 -9.20 -18.84 53.30
C LEU A 407 -8.02 -18.82 52.36
N PRO A 408 -7.26 -19.92 52.36
CA PRO A 408 -7.66 -21.13 53.05
C PRO A 408 -6.89 -21.35 54.33
N ALA A 409 -6.37 -20.30 54.98
CA ALA A 409 -5.76 -20.47 56.32
C ALA A 409 -6.75 -21.12 57.26
N ALA A 410 -7.93 -20.52 57.38
CA ALA A 410 -8.90 -20.94 58.38
C ALA A 410 -9.01 -22.46 58.50
N ILE A 411 -9.01 -23.15 57.37
CA ILE A 411 -9.26 -24.59 57.37
C ILE A 411 -7.98 -25.42 57.43
N GLU A 412 -6.85 -24.74 57.38
CA GLU A 412 -5.57 -25.37 57.67
C GLU A 412 -5.21 -25.21 59.14
N ASP A 413 -5.94 -24.34 59.84
CA ASP A 413 -5.62 -23.93 61.22
C ASP A 413 -6.20 -24.90 62.26
N VAL A 414 -5.54 -26.05 62.40
CA VAL A 414 -6.00 -27.09 63.30
C VAL A 414 -5.77 -26.69 64.75
N SER A 415 -4.54 -26.33 65.07
CA SER A 415 -4.19 -25.78 66.36
C SER A 415 -3.94 -24.31 66.14
N GLY A 416 -4.58 -23.44 66.91
CA GLY A 416 -4.27 -22.02 66.84
C GLY A 416 -2.85 -21.78 67.32
N ASP A 417 -2.02 -22.81 67.25
CA ASP A 417 -0.72 -22.78 67.93
C ASP A 417 0.39 -22.51 66.95
N THR A 418 0.21 -22.95 65.70
CA THR A 418 1.26 -22.88 64.68
C THR A 418 0.89 -22.06 63.45
N VAL A 419 1.85 -21.92 62.55
CA VAL A 419 1.64 -21.24 61.28
C VAL A 419 0.91 -22.18 60.32
N PRO A 420 -0.29 -21.77 59.87
CA PRO A 420 -0.99 -22.62 58.91
C PRO A 420 -0.10 -22.86 57.68
N GLN A 421 -0.24 -24.03 57.05
CA GLN A 421 0.63 -24.43 55.95
C GLN A 421 0.67 -23.44 54.77
N SER A 422 -0.50 -22.93 54.36
CA SER A 422 -0.56 -21.99 53.24
C SER A 422 0.24 -20.75 53.57
N ILE A 423 0.16 -20.30 54.82
CA ILE A 423 0.90 -19.13 55.26
C ILE A 423 2.41 -19.40 55.22
N LEU A 424 2.80 -20.58 55.70
CA LEU A 424 4.20 -20.96 55.75
C LEU A 424 4.78 -21.12 54.35
N THR A 425 3.99 -21.68 53.43
CA THR A 425 4.40 -21.83 52.04
C THR A 425 4.61 -20.46 51.38
N LYS A 426 3.62 -19.57 51.56
CA LYS A 426 3.74 -18.22 51.03
C LYS A 426 4.91 -17.49 51.66
N SER A 427 5.10 -17.66 52.97
CA SER A 427 6.23 -17.02 53.62
C SER A 427 7.52 -17.45 52.94
N ARG A 428 7.73 -18.77 52.87
CA ARG A 428 8.93 -19.32 52.26
C ARG A 428 9.08 -18.89 50.80
N SER A 429 7.96 -18.78 50.12
CA SER A 429 7.96 -18.32 48.74
C SER A 429 8.52 -16.91 48.66
N VAL A 430 8.12 -16.05 49.60
CA VAL A 430 8.55 -14.66 49.62
C VAL A 430 10.03 -14.52 50.02
N ILE A 431 10.40 -15.20 51.09
CA ILE A 431 11.78 -15.16 51.57
C ILE A 431 12.76 -15.59 50.48
N GLU A 432 12.33 -16.51 49.63
CA GLU A 432 13.22 -17.11 48.65
C GLU A 432 13.42 -16.19 47.43
N GLN A 433 12.50 -15.25 47.24
CA GLN A 433 12.60 -14.24 46.19
C GLN A 433 13.23 -12.98 46.74
N GLY A 434 13.92 -13.11 47.88
CA GLY A 434 14.66 -12.00 48.45
C GLY A 434 14.03 -11.30 49.64
N GLY A 435 12.72 -11.42 49.83
CA GLY A 435 12.08 -10.74 50.95
C GLY A 435 11.92 -9.26 50.63
N ILE A 436 11.73 -8.41 51.65
CA ILE A 436 11.52 -6.98 51.40
C ILE A 436 12.75 -6.29 50.80
N GLN A 437 13.94 -6.65 51.24
CA GLN A 437 15.14 -6.03 50.69
C GLN A 437 15.17 -6.12 49.16
N THR A 438 14.37 -7.02 48.60
CA THR A 438 14.17 -7.07 47.16
C THR A 438 13.31 -5.90 46.70
N VAL A 439 12.19 -5.70 47.38
CA VAL A 439 11.30 -4.58 47.10
C VAL A 439 11.89 -3.25 47.55
N ASP A 440 12.74 -3.27 48.56
CA ASP A 440 13.38 -2.04 49.04
C ASP A 440 14.32 -1.50 47.97
N GLN A 441 14.94 -2.42 47.24
CA GLN A 441 15.89 -2.04 46.19
C GLN A 441 15.20 -1.39 45.01
N LEU A 442 14.28 -2.13 44.38
CA LEU A 442 13.50 -1.63 43.26
C LEU A 442 12.83 -0.30 43.57
N ILE A 443 12.36 -0.11 44.80
CA ILE A 443 11.70 1.14 45.17
C ILE A 443 12.71 2.28 45.30
N LYS A 444 13.95 1.92 45.65
CA LYS A 444 15.00 2.90 45.83
C LYS A 444 15.55 3.35 44.47
N GLU A 445 15.62 2.41 43.54
CA GLU A 445 16.24 2.64 42.25
C GLU A 445 15.28 3.23 41.24
N LEU A 446 13.99 3.25 41.59
CA LEU A 446 13.00 3.75 40.68
C LEU A 446 13.22 5.24 40.40
N PRO A 447 13.40 6.04 41.46
CA PRO A 447 13.60 7.47 41.25
C PRO A 447 14.89 7.77 40.50
N GLU A 448 15.78 6.79 40.42
CA GLU A 448 17.04 6.98 39.73
C GLU A 448 16.88 6.71 38.24
N LEU A 449 16.13 5.66 37.90
CA LEU A 449 15.79 5.41 36.50
C LEU A 449 14.98 6.56 35.93
N LEU A 450 14.13 7.16 36.76
CA LEU A 450 13.41 8.35 36.35
C LEU A 450 14.37 9.52 36.07
N GLN A 451 15.29 9.77 37.01
CA GLN A 451 16.24 10.86 36.85
C GLN A 451 17.05 10.69 35.55
N ARG A 452 17.57 9.48 35.36
CA ARG A 452 18.35 9.17 34.18
C ARG A 452 17.66 9.69 32.92
N ASN A 453 16.37 9.38 32.81
CA ASN A 453 15.57 9.81 31.67
C ASN A 453 15.28 11.31 31.62
N ARG A 454 15.01 11.95 32.75
CA ARG A 454 14.82 13.38 32.73
C ARG A 454 16.08 13.97 32.15
N GLU A 455 17.22 13.42 32.56
CA GLU A 455 18.51 13.97 32.19
C GLU A 455 18.73 13.89 30.70
N ILE A 456 18.42 12.74 30.11
CA ILE A 456 18.60 12.58 28.67
C ILE A 456 17.70 13.59 27.92
N LEU A 457 16.42 13.59 28.22
CA LEU A 457 15.50 14.53 27.61
C LEU A 457 15.99 15.97 27.76
N ASP A 458 16.62 16.29 28.89
CA ASP A 458 17.01 17.66 29.19
C ASP A 458 18.25 18.12 28.42
N GLU A 459 19.27 17.28 28.38
CA GLU A 459 20.49 17.57 27.62
C GLU A 459 20.13 17.65 26.13
N SER A 460 19.25 16.75 25.68
CA SER A 460 18.76 16.75 24.32
C SER A 460 18.24 18.13 23.92
N LEU A 461 17.28 18.63 24.68
CA LEU A 461 16.60 19.86 24.33
C LEU A 461 17.47 21.10 24.55
N ARG A 462 18.38 21.03 25.53
CA ARG A 462 19.35 22.11 25.73
C ARG A 462 20.21 22.33 24.48
N LEU A 463 20.61 21.23 23.83
CA LEU A 463 21.33 21.27 22.56
C LEU A 463 20.61 22.17 21.57
N LEU A 464 19.37 21.81 21.27
CA LEU A 464 18.53 22.61 20.39
C LEU A 464 18.47 24.06 20.87
N ASP A 465 18.28 24.25 22.16
CA ASP A 465 18.20 25.59 22.70
C ASP A 465 19.47 26.39 22.47
N GLU A 466 20.62 25.77 22.71
CA GLU A 466 21.91 26.44 22.52
C GLU A 466 22.23 26.74 21.05
N GLU A 467 22.04 25.76 20.17
CA GLU A 467 22.29 26.02 18.76
C GLU A 467 21.28 27.05 18.23
N GLU A 468 20.03 26.97 18.66
CA GLU A 468 19.04 27.94 18.24
C GLU A 468 19.45 29.34 18.68
N ALA A 469 20.19 29.41 19.78
CA ALA A 469 20.60 30.70 20.32
C ALA A 469 21.65 31.36 19.42
N THR A 470 22.76 30.67 19.19
CA THR A 470 23.80 31.23 18.33
C THR A 470 23.25 31.55 16.92
N ASP A 471 22.41 30.68 16.40
CA ASP A 471 21.76 30.92 15.11
C ASP A 471 20.99 32.27 15.08
N ASN A 472 20.15 32.55 16.09
CA ASN A 472 19.46 33.85 16.20
C ASN A 472 20.42 35.04 16.34
N ASP A 473 21.55 34.84 17.01
CA ASP A 473 22.57 35.87 17.09
C ASP A 473 23.24 36.15 15.75
N LEU A 474 23.61 35.08 15.04
CA LEU A 474 24.34 35.22 13.78
C LEU A 474 23.47 35.89 12.73
N ARG A 475 22.21 35.50 12.65
CA ARG A 475 21.27 36.15 11.75
C ARG A 475 21.09 37.61 12.15
N ALA A 476 21.30 37.90 13.43
CA ALA A 476 21.14 39.27 13.90
C ALA A 476 22.31 40.16 13.48
N LYS A 477 23.55 39.73 13.73
CA LYS A 477 24.73 40.52 13.38
C LYS A 477 25.21 40.38 11.93
N PHE A 478 24.70 39.40 11.20
CA PHE A 478 25.11 39.17 9.80
C PHE A 478 23.93 38.81 8.92
N LYS A 479 22.94 39.69 8.85
CA LYS A 479 21.75 39.40 8.05
C LYS A 479 22.10 38.79 6.71
N GLU A 480 23.04 39.41 5.99
CA GLU A 480 23.37 38.97 4.64
C GLU A 480 24.11 37.64 4.59
N ARG A 481 25.18 37.49 5.37
CA ARG A 481 25.98 36.28 5.28
C ARG A 481 25.38 35.15 6.06
N TRP A 482 24.39 35.47 6.88
CA TRP A 482 23.71 34.42 7.64
C TRP A 482 22.24 34.42 7.27
N GLN A 483 21.96 33.93 6.07
CA GLN A 483 20.59 33.76 5.63
C GLN A 483 20.35 32.26 5.61
N ARG A 484 19.27 31.85 6.27
CA ARG A 484 19.01 30.44 6.47
C ARG A 484 17.64 30.33 7.10
N THR A 485 17.05 29.15 7.03
CA THR A 485 15.83 28.91 7.79
C THR A 485 16.30 28.93 9.24
N PRO A 486 15.62 29.74 10.07
CA PRO A 486 15.97 29.82 11.49
C PRO A 486 16.02 28.43 12.12
N SER A 487 16.84 28.26 13.14
CA SER A 487 16.82 27.02 13.90
C SER A 487 15.45 26.84 14.52
N ASN A 488 14.88 27.94 15.00
CA ASN A 488 13.54 27.95 15.56
C ASN A 488 12.53 27.12 14.76
N GLU A 489 12.48 27.34 13.45
CA GLU A 489 11.53 26.64 12.59
C GLU A 489 11.92 25.18 12.34
N LEU A 490 13.21 24.94 12.18
CA LEU A 490 13.73 23.62 11.89
C LEU A 490 13.49 22.66 13.07
N TYR A 491 13.44 23.24 14.28
CA TYR A 491 13.39 22.47 15.51
C TYR A 491 11.98 22.23 16.06
N LYS A 492 10.98 22.84 15.42
CA LYS A 492 9.60 22.68 15.85
C LYS A 492 9.14 21.20 15.99
N PRO A 493 9.44 20.36 14.98
CA PRO A 493 9.14 18.92 15.08
C PRO A 493 9.75 18.24 16.31
N LEU A 494 11.07 18.28 16.41
CA LEU A 494 11.77 17.63 17.51
C LEU A 494 11.35 18.13 18.92
N ARG A 495 11.00 19.41 19.00
CA ARG A 495 10.50 19.96 20.25
C ARG A 495 9.06 19.52 20.53
N ALA A 496 8.41 18.97 19.51
CA ALA A 496 7.08 18.38 19.67
C ALA A 496 7.19 16.97 20.28
N GLU A 497 8.14 16.16 19.79
CA GLU A 497 8.44 14.90 20.42
C GLU A 497 8.84 15.17 21.88
N GLY A 498 9.78 16.09 22.03
CA GLY A 498 10.20 16.52 23.36
C GLY A 498 9.03 16.71 24.30
N THR A 499 8.07 17.54 23.90
CA THR A 499 6.95 17.88 24.78
C THR A 499 6.11 16.66 25.15
N ASN A 500 5.88 15.79 24.18
CA ASN A 500 5.19 14.53 24.46
C ASN A 500 5.96 13.71 25.47
N PHE A 501 7.22 13.42 25.15
CA PHE A 501 8.08 12.71 26.07
C PHE A 501 7.86 13.25 27.47
N ARG A 502 7.88 14.57 27.60
CA ARG A 502 7.66 15.20 28.88
C ARG A 502 6.36 14.70 29.54
N THR A 503 5.28 14.69 28.77
CA THR A 503 3.99 14.23 29.26
C THR A 503 4.00 12.74 29.58
N VAL A 504 4.91 12.00 28.97
CA VAL A 504 5.10 10.60 29.33
C VAL A 504 5.69 10.49 30.75
N LEU A 505 6.77 11.22 31.00
CA LEU A 505 7.41 11.21 32.31
C LEU A 505 6.43 11.63 33.39
N ASP A 506 5.48 12.48 33.02
CA ASP A 506 4.44 12.93 33.93
C ASP A 506 3.60 11.75 34.39
N LYS A 507 3.22 10.90 33.45
CA LYS A 507 2.41 9.72 33.76
C LYS A 507 3.22 8.68 34.53
N ALA A 508 4.46 8.48 34.14
CA ALA A 508 5.32 7.50 34.80
C ALA A 508 5.54 7.84 36.27
N VAL A 509 5.76 9.11 36.56
CA VAL A 509 5.92 9.58 37.95
C VAL A 509 4.62 9.35 38.73
N GLN A 510 3.49 9.68 38.11
CA GLN A 510 2.18 9.45 38.69
C GLN A 510 2.05 7.99 39.15
N ALA A 511 2.58 7.07 38.36
CA ALA A 511 2.51 5.65 38.65
C ALA A 511 3.51 5.26 39.74
N ASP A 512 4.71 5.84 39.69
CA ASP A 512 5.66 5.73 40.78
C ASP A 512 5.00 6.01 42.14
N GLY A 513 4.20 7.08 42.18
CA GLY A 513 3.56 7.50 43.41
C GLY A 513 2.54 6.49 43.91
N GLN A 514 1.83 5.85 42.99
CA GLN A 514 0.82 4.87 43.36
C GLN A 514 1.48 3.63 43.95
N VAL A 515 2.52 3.16 43.27
CA VAL A 515 3.27 1.98 43.69
C VAL A 515 3.98 2.19 45.04
N LYS A 516 4.49 3.40 45.26
CA LYS A 516 5.22 3.73 46.48
C LYS A 516 4.27 3.81 47.68
N GLU A 517 3.09 4.39 47.48
CA GLU A 517 2.10 4.48 48.53
C GLU A 517 1.60 3.08 48.91
N CYS A 518 1.51 2.19 47.92
CA CYS A 518 1.15 0.80 48.19
C CYS A 518 2.25 0.08 48.97
N TYR A 519 3.50 0.36 48.66
CA TYR A 519 4.68 -0.18 49.36
C TYR A 519 4.83 0.29 50.79
N GLN A 520 4.43 1.52 51.07
CA GLN A 520 4.55 2.06 52.42
C GLN A 520 3.41 1.53 53.31
N SER A 521 2.29 1.18 52.69
CA SER A 521 1.12 0.75 53.41
C SER A 521 1.06 -0.74 53.59
N HIS A 522 2.04 -1.46 53.09
CA HIS A 522 2.04 -2.91 53.23
C HIS A 522 3.41 -3.44 53.63
N ARG A 523 4.41 -2.57 53.69
CA ARG A 523 5.74 -3.00 54.03
C ARG A 523 5.90 -3.66 55.42
N ASP A 524 5.08 -3.27 56.40
CA ASP A 524 5.27 -3.86 57.75
C ASP A 524 4.82 -5.32 57.84
N THR A 525 3.60 -5.61 57.37
CA THR A 525 3.11 -6.98 57.34
C THR A 525 4.06 -7.89 56.55
N ILE A 526 4.53 -7.41 55.42
CA ILE A 526 5.47 -8.17 54.58
C ILE A 526 6.76 -8.57 55.31
N VAL A 527 7.39 -7.60 55.98
CA VAL A 527 8.57 -7.83 56.83
C VAL A 527 8.32 -8.93 57.85
N LEU A 528 7.14 -8.90 58.45
CA LEU A 528 6.74 -9.95 59.35
C LEU A 528 6.67 -11.31 58.59
N LEU A 529 5.87 -11.34 57.52
CA LEU A 529 5.74 -12.52 56.66
C LEU A 529 7.08 -13.15 56.26
N CYS A 530 8.12 -12.33 56.21
CA CYS A 530 9.44 -12.79 55.79
C CYS A 530 10.31 -13.38 56.90
N LYS A 531 9.79 -13.46 58.12
CA LYS A 531 10.59 -13.94 59.25
C LYS A 531 10.72 -15.46 59.25
N PRO A 532 11.82 -15.98 59.82
CA PRO A 532 12.01 -17.43 60.00
C PRO A 532 10.81 -18.04 60.74
N GLU A 533 10.50 -19.30 60.46
CA GLU A 533 9.22 -19.85 60.89
C GLU A 533 8.87 -19.67 62.38
N PRO A 534 9.81 -20.00 63.29
CA PRO A 534 9.51 -19.85 64.73
C PRO A 534 9.23 -18.39 65.13
N GLU A 535 10.13 -17.48 64.75
CA GLU A 535 9.93 -16.06 65.01
C GLU A 535 8.60 -15.55 64.44
N LEU A 536 8.29 -15.96 63.22
CA LEU A 536 7.03 -15.58 62.64
C LEU A 536 5.87 -16.18 63.43
N ASN A 537 5.97 -17.46 63.77
CA ASN A 537 4.93 -18.10 64.55
C ASN A 537 4.67 -17.42 65.89
N ALA A 538 5.75 -16.97 66.54
CA ALA A 538 5.68 -16.33 67.85
C ALA A 538 5.10 -14.92 67.79
N ALA A 539 4.74 -14.48 66.59
CA ALA A 539 4.19 -13.15 66.37
C ALA A 539 2.73 -13.22 65.93
N ILE A 540 2.26 -14.45 65.68
CA ILE A 540 0.87 -14.70 65.30
C ILE A 540 0.06 -15.16 66.50
N PRO A 541 -0.86 -14.32 66.99
CA PRO A 541 -1.54 -14.56 68.28
C PRO A 541 -2.23 -15.92 68.29
N SER A 542 -2.11 -16.63 69.41
CA SER A 542 -2.72 -17.94 69.60
C SER A 542 -4.21 -17.85 69.81
N ALA A 543 -4.88 -18.96 69.56
CA ALA A 543 -6.32 -19.09 69.75
C ALA A 543 -6.60 -20.51 70.16
N ASN A 544 -7.72 -20.72 70.83
CA ASN A 544 -8.16 -22.06 71.11
C ASN A 544 -8.87 -22.56 69.87
N PRO A 545 -8.31 -23.59 69.23
CA PRO A 545 -8.88 -24.19 68.03
C PRO A 545 -10.03 -25.13 68.38
N ALA A 546 -11.19 -24.92 67.76
CA ALA A 546 -12.34 -25.80 67.94
C ALA A 546 -12.12 -27.10 67.17
N LYS A 547 -11.78 -28.17 67.88
CA LYS A 547 -11.48 -29.46 67.29
C LYS A 547 -12.71 -30.04 66.58
N THR A 548 -13.86 -29.45 66.89
CA THR A 548 -15.14 -29.81 66.27
C THR A 548 -15.04 -29.79 64.75
N MET A 549 -14.05 -29.05 64.26
CA MET A 549 -13.92 -28.73 62.84
C MET A 549 -13.27 -29.85 62.03
N GLN A 550 -12.49 -30.71 62.66
CA GLN A 550 -11.78 -31.76 61.92
C GLN A 550 -12.71 -32.83 61.35
N GLY A 551 -12.86 -32.86 60.03
CA GLY A 551 -13.68 -33.85 59.37
C GLY A 551 -15.01 -33.32 58.86
N SER A 552 -15.41 -32.14 59.35
CA SER A 552 -16.69 -31.54 59.03
C SER A 552 -17.05 -31.69 57.55
N GLU A 553 -18.35 -31.62 57.26
CA GLU A 553 -18.82 -31.62 55.87
C GLU A 553 -18.48 -30.30 55.21
N VAL A 554 -18.73 -29.21 55.92
CA VAL A 554 -18.41 -27.88 55.41
C VAL A 554 -16.94 -27.79 55.04
N VAL A 555 -16.09 -28.43 55.84
CA VAL A 555 -14.63 -28.36 55.64
C VAL A 555 -14.11 -29.08 54.39
N ASN A 556 -14.46 -30.36 54.22
CA ASN A 556 -14.03 -31.08 53.01
C ASN A 556 -14.56 -30.47 51.70
N VAL A 557 -15.80 -29.98 51.72
CA VAL A 557 -16.35 -29.25 50.58
C VAL A 557 -15.58 -27.98 50.30
N LEU A 558 -15.49 -27.13 51.30
CA LEU A 558 -14.71 -25.90 51.19
C LEU A 558 -13.31 -26.24 50.68
N LYS A 559 -12.73 -27.32 51.21
CA LYS A 559 -11.34 -27.69 50.95
C LYS A 559 -11.03 -27.99 49.49
N SER A 560 -11.91 -28.74 48.86
CA SER A 560 -11.73 -29.14 47.48
C SER A 560 -12.40 -28.11 46.58
N LEU A 561 -13.36 -27.39 47.13
CA LEU A 561 -13.94 -26.23 46.46
C LEU A 561 -12.79 -25.22 46.23
N LEU A 562 -11.89 -25.17 47.20
CA LEU A 562 -10.68 -24.35 47.11
C LEU A 562 -9.56 -25.00 46.27
N SER A 563 -9.53 -26.33 46.24
CA SER A 563 -8.56 -27.03 45.40
C SER A 563 -8.75 -26.66 43.93
N ASN A 564 -10.01 -26.69 43.48
CA ASN A 564 -10.36 -26.35 42.12
C ASN A 564 -10.07 -24.90 41.81
N LEU A 565 -10.43 -24.01 42.73
CA LEU A 565 -10.13 -22.60 42.51
C LEU A 565 -8.63 -22.41 42.32
N ASP A 566 -7.82 -23.18 43.04
CA ASP A 566 -6.37 -23.08 42.85
C ASP A 566 -5.89 -23.54 41.45
N GLU A 567 -6.38 -24.70 41.01
CA GLU A 567 -6.07 -25.22 39.67
C GLU A 567 -6.53 -24.24 38.60
N VAL A 568 -7.77 -23.78 38.72
CA VAL A 568 -8.31 -22.72 37.89
C VAL A 568 -7.44 -21.46 37.79
N LYS A 569 -6.54 -21.22 38.73
CA LYS A 569 -5.76 -19.99 38.60
C LYS A 569 -4.31 -20.24 38.19
N LYS A 570 -3.79 -21.41 38.54
CA LYS A 570 -2.50 -21.82 38.05
C LYS A 570 -2.63 -22.13 36.56
N GLU A 571 -3.86 -22.33 36.12
CA GLU A 571 -4.15 -22.60 34.72
C GLU A 571 -3.96 -21.34 33.87
N ARG A 572 -4.36 -20.20 34.42
CA ARG A 572 -4.22 -18.92 33.73
C ARG A 572 -2.77 -18.61 33.38
N GLU A 573 -1.85 -19.30 34.04
CA GLU A 573 -0.43 -19.04 33.86
C GLU A 573 0.08 -19.61 32.54
N GLY A 574 -0.37 -20.83 32.21
CA GLY A 574 -0.06 -21.45 30.94
C GLY A 574 -0.82 -20.74 29.85
N LEU A 575 -2.12 -20.58 30.05
CA LEU A 575 -2.95 -19.81 29.14
C LEU A 575 -2.31 -18.49 28.69
N GLU A 576 -2.10 -17.54 29.59
CA GLU A 576 -1.47 -16.30 29.18
C GLU A 576 -0.17 -16.56 28.43
N ASN A 577 0.58 -17.58 28.86
CA ASN A 577 1.89 -17.84 28.26
C ASN A 577 1.75 -18.37 26.83
N ASP A 578 0.64 -19.03 26.55
CA ASP A 578 0.37 -19.57 25.21
C ASP A 578 -0.16 -18.48 24.29
N LEU A 579 -1.02 -17.61 24.83
CA LEU A 579 -1.50 -16.47 24.07
C LEU A 579 -0.33 -15.67 23.51
N LYS A 580 0.66 -15.43 24.36
CA LYS A 580 1.84 -14.63 24.00
C LYS A 580 2.87 -15.36 23.14
N SER A 581 2.97 -16.68 23.28
CA SER A 581 4.04 -17.41 22.61
C SER A 581 3.78 -17.76 21.12
N VAL A 582 2.51 -17.83 20.72
CA VAL A 582 2.17 -18.09 19.34
C VAL A 582 2.21 -16.80 18.54
N ASN A 583 2.44 -16.97 17.24
CA ASN A 583 2.22 -15.92 16.24
C ASN A 583 1.96 -16.47 14.84
N PHE A 584 1.06 -15.80 14.14
CA PHE A 584 0.83 -16.10 12.74
C PHE A 584 1.28 -14.95 11.86
N ASP A 585 2.27 -15.24 11.03
CA ASP A 585 2.69 -14.35 9.94
C ASP A 585 1.60 -14.36 8.88
N MET A 586 0.98 -13.21 8.64
CA MET A 586 -0.16 -13.14 7.75
C MET A 586 0.16 -12.64 6.33
N THR A 587 1.41 -12.27 6.08
CA THR A 587 1.80 -11.67 4.81
C THR A 587 1.40 -12.53 3.60
N SER A 588 1.83 -13.78 3.63
CA SER A 588 1.63 -14.68 2.52
C SER A 588 0.15 -14.99 2.31
N LYS A 589 -0.65 -14.85 3.34
CA LYS A 589 -2.09 -15.06 3.22
C LYS A 589 -2.73 -13.82 2.60
N PHE A 590 -2.11 -12.67 2.83
CA PHE A 590 -2.54 -11.39 2.26
C PHE A 590 -2.12 -11.27 0.80
N LEU A 591 -1.00 -11.88 0.46
CA LEU A 591 -0.50 -11.87 -0.90
C LEU A 591 -1.43 -12.70 -1.77
N THR A 592 -1.84 -13.84 -1.24
CA THR A 592 -2.73 -14.72 -1.96
C THR A 592 -4.04 -14.04 -2.28
N ALA A 593 -4.60 -13.37 -1.28
CA ALA A 593 -5.85 -12.65 -1.47
C ALA A 593 -5.72 -11.54 -2.53
N LEU A 594 -4.50 -11.06 -2.75
CA LEU A 594 -4.28 -9.96 -3.69
C LEU A 594 -3.95 -10.42 -5.12
N ALA A 595 -3.34 -11.59 -5.24
CA ALA A 595 -2.98 -12.12 -6.56
C ALA A 595 -4.15 -12.91 -7.11
N GLN A 596 -4.68 -13.79 -6.28
CA GLN A 596 -5.86 -14.55 -6.64
C GLN A 596 -7.08 -13.66 -6.77
N ASP A 597 -6.98 -12.43 -6.27
CA ASP A 597 -8.12 -11.53 -6.23
C ASP A 597 -7.72 -10.09 -6.48
N GLY A 598 -8.72 -9.24 -6.72
CA GLY A 598 -8.47 -7.84 -7.00
C GLY A 598 -8.11 -7.05 -5.76
N VAL A 599 -8.65 -7.47 -4.62
CA VAL A 599 -8.54 -6.68 -3.39
C VAL A 599 -8.23 -7.54 -2.17
N ILE A 600 -7.57 -6.93 -1.20
CA ILE A 600 -7.35 -7.53 0.12
C ILE A 600 -8.41 -7.07 1.10
N ASN A 601 -9.35 -7.94 1.42
CA ASN A 601 -10.27 -7.65 2.52
C ASN A 601 -9.77 -8.22 3.85
N GLU A 602 -9.00 -7.42 4.58
CA GLU A 602 -8.34 -7.91 5.79
C GLU A 602 -9.31 -8.24 6.93
N GLU A 603 -10.31 -7.40 7.18
CA GLU A 603 -11.20 -7.66 8.31
C GLU A 603 -11.62 -9.11 8.38
N ALA A 604 -12.34 -9.56 7.36
CA ALA A 604 -12.83 -10.92 7.33
C ALA A 604 -11.67 -11.92 7.37
N LEU A 605 -10.57 -11.57 6.70
CA LEU A 605 -9.43 -12.47 6.58
C LEU A 605 -8.70 -12.71 7.91
N SER A 606 -8.52 -11.66 8.68
CA SER A 606 -7.79 -11.77 9.94
C SER A 606 -8.69 -12.27 11.08
N VAL A 607 -9.93 -11.79 11.12
CA VAL A 607 -10.91 -12.31 12.05
C VAL A 607 -10.96 -13.82 11.98
N THR A 608 -10.77 -14.34 10.77
CA THR A 608 -10.90 -15.77 10.52
C THR A 608 -9.66 -16.52 10.97
N GLU A 609 -8.52 -15.86 10.85
CA GLU A 609 -7.24 -16.45 11.20
C GLU A 609 -7.03 -16.35 12.71
N LEU A 610 -7.52 -15.26 13.28
CA LEU A 610 -7.44 -15.06 14.73
C LEU A 610 -8.24 -16.15 15.41
N ASP A 611 -9.44 -16.40 14.90
CA ASP A 611 -10.30 -17.42 15.47
C ASP A 611 -9.64 -18.79 15.40
N ARG A 612 -8.79 -18.97 14.39
CA ARG A 612 -8.13 -20.25 14.16
C ARG A 612 -6.92 -20.40 15.07
N VAL A 613 -6.18 -19.31 15.25
CA VAL A 613 -4.95 -19.34 16.02
C VAL A 613 -5.20 -19.24 17.54
N TYR A 614 -6.14 -18.37 17.90
CA TYR A 614 -6.36 -17.99 19.28
C TYR A 614 -7.68 -18.49 19.85
N GLY A 615 -8.57 -18.94 18.97
CA GLY A 615 -9.91 -19.30 19.38
C GLY A 615 -9.99 -20.33 20.49
N GLY A 616 -9.07 -21.29 20.49
CA GLY A 616 -9.08 -22.34 21.49
C GLY A 616 -8.88 -21.76 22.89
N LEU A 617 -7.98 -20.79 22.97
CA LEU A 617 -7.61 -20.15 24.21
C LEU A 617 -8.63 -19.11 24.64
N THR A 618 -9.01 -18.23 23.70
CA THR A 618 -9.97 -17.18 24.02
C THR A 618 -11.27 -17.81 24.48
N THR A 619 -11.33 -19.12 24.38
CA THR A 619 -12.49 -19.85 24.86
C THR A 619 -12.23 -20.51 26.20
N LYS A 620 -11.01 -21.02 26.38
CA LYS A 620 -10.61 -21.58 27.65
C LYS A 620 -10.54 -20.46 28.69
N VAL A 621 -9.92 -19.35 28.32
CA VAL A 621 -9.96 -18.12 29.10
C VAL A 621 -11.39 -17.82 29.50
N GLN A 622 -12.24 -17.73 28.49
CA GLN A 622 -13.64 -17.41 28.73
C GLN A 622 -14.30 -18.38 29.72
N GLU A 623 -13.82 -19.62 29.71
CA GLU A 623 -14.30 -20.65 30.61
C GLU A 623 -13.88 -20.34 32.04
N SER A 624 -12.60 -20.03 32.21
CA SER A 624 -12.06 -19.68 33.50
C SER A 624 -13.04 -18.77 34.24
N LEU A 625 -13.22 -17.55 33.75
CA LEU A 625 -14.04 -16.54 34.42
C LEU A 625 -15.37 -17.05 34.98
N LYS A 626 -16.21 -17.65 34.15
CA LYS A 626 -17.50 -18.14 34.61
C LYS A 626 -17.36 -19.37 35.51
N LYS A 627 -16.22 -20.05 35.40
CA LYS A 627 -15.90 -21.18 36.26
C LYS A 627 -15.46 -20.65 37.65
N GLN A 628 -14.82 -19.49 37.66
CA GLN A 628 -14.49 -18.83 38.92
C GLN A 628 -15.77 -18.33 39.57
N GLU A 629 -16.62 -17.67 38.79
CA GLU A 629 -17.88 -17.15 39.30
C GLU A 629 -18.64 -18.27 40.03
N GLY A 630 -18.70 -19.42 39.39
CA GLY A 630 -19.33 -20.59 40.00
C GLY A 630 -18.66 -20.96 41.30
N LEU A 631 -17.33 -20.92 41.31
CA LEU A 631 -16.58 -21.26 42.51
C LEU A 631 -16.73 -20.22 43.63
N LEU A 632 -16.65 -18.93 43.28
CA LEU A 632 -16.78 -17.86 44.27
C LEU A 632 -18.16 -17.83 44.93
N LYS A 633 -19.19 -18.02 44.13
CA LYS A 633 -20.55 -18.12 44.63
C LYS A 633 -20.69 -19.28 45.64
N ASN A 634 -20.27 -20.47 45.24
CA ASN A 634 -20.34 -21.67 46.09
C ASN A 634 -19.52 -21.55 47.35
N ILE A 635 -18.40 -20.85 47.27
CA ILE A 635 -17.52 -20.69 48.42
C ILE A 635 -18.10 -19.72 49.46
N GLN A 636 -18.56 -18.55 49.00
CA GLN A 636 -19.16 -17.55 49.88
C GLN A 636 -20.24 -18.14 50.79
N VAL A 637 -21.07 -19.01 50.23
CA VAL A 637 -22.16 -19.62 50.97
C VAL A 637 -21.64 -20.73 51.88
N SER A 638 -21.01 -21.73 51.28
CA SER A 638 -20.45 -22.85 52.03
C SER A 638 -19.52 -22.38 53.14
N HIS A 639 -18.98 -21.18 53.02
CA HIS A 639 -18.13 -20.62 54.07
C HIS A 639 -18.96 -20.12 55.23
N GLN A 640 -19.91 -19.23 54.94
CA GLN A 640 -20.68 -18.62 56.01
C GLN A 640 -21.38 -19.69 56.86
N GLU A 641 -21.44 -20.91 56.34
CA GLU A 641 -21.89 -22.03 57.15
C GLU A 641 -20.75 -22.46 58.04
N PHE A 642 -19.56 -22.57 57.46
CA PHE A 642 -18.36 -22.72 58.27
C PHE A 642 -18.27 -21.60 59.31
N SER A 643 -19.01 -20.51 59.10
CA SER A 643 -19.03 -19.38 60.02
C SER A 643 -19.96 -19.65 61.20
N LYS A 644 -20.89 -20.58 61.02
CA LYS A 644 -21.72 -21.04 62.12
C LYS A 644 -20.87 -21.81 63.12
N MET A 645 -20.19 -22.85 62.64
CA MET A 645 -19.22 -23.59 63.45
C MET A 645 -18.10 -22.69 63.96
N LYS A 646 -17.94 -21.55 63.30
CA LYS A 646 -17.00 -20.53 63.74
C LYS A 646 -17.44 -20.01 65.12
N GLN A 647 -16.50 -19.62 65.96
CA GLN A 647 -16.82 -19.19 67.32
C GLN A 647 -16.12 -17.90 67.72
N SER A 648 -16.88 -16.81 67.80
CA SER A 648 -16.32 -15.47 68.02
C SER A 648 -15.78 -15.22 69.43
N ASN A 649 -14.59 -15.76 69.71
CA ASN A 649 -13.86 -15.43 70.92
C ASN A 649 -12.69 -14.53 70.58
N ASN A 650 -12.54 -13.42 71.30
CA ASN A 650 -11.49 -12.45 70.99
C ASN A 650 -10.08 -13.00 70.79
N GLU A 651 -9.81 -14.18 71.36
CA GLU A 651 -8.52 -14.85 71.20
C GLU A 651 -8.36 -15.29 69.75
N ALA A 652 -9.47 -15.74 69.18
CA ALA A 652 -9.51 -16.22 67.81
C ALA A 652 -9.73 -15.06 66.84
N ASN A 653 -10.33 -13.97 67.33
CA ASN A 653 -10.56 -12.80 66.48
C ASN A 653 -9.25 -12.13 66.17
N LEU A 654 -8.37 -12.08 67.17
CA LEU A 654 -7.05 -11.54 66.98
C LEU A 654 -6.28 -12.41 65.98
N ARG A 655 -6.32 -13.72 66.21
CA ARG A 655 -5.64 -14.65 65.32
C ARG A 655 -6.11 -14.46 63.88
N GLU A 656 -7.43 -14.40 63.70
CA GLU A 656 -8.03 -14.22 62.39
C GLU A 656 -7.57 -12.94 61.69
N GLU A 657 -7.54 -11.84 62.41
CA GLU A 657 -7.06 -10.57 61.85
C GLU A 657 -5.69 -10.79 61.22
N VAL A 658 -4.77 -11.28 62.05
CA VAL A 658 -3.38 -11.43 61.65
C VAL A 658 -3.19 -12.38 60.46
N LEU A 659 -3.95 -13.48 60.45
CA LEU A 659 -3.91 -14.43 59.33
C LEU A 659 -4.45 -13.80 58.04
N LYS A 660 -5.62 -13.19 58.12
CA LYS A 660 -6.15 -12.48 56.99
C LYS A 660 -5.11 -11.50 56.48
N ASN A 661 -4.41 -10.80 57.38
CA ASN A 661 -3.44 -9.80 56.96
C ASN A 661 -2.14 -10.33 56.36
N LEU A 662 -1.64 -11.45 56.88
CA LEU A 662 -0.47 -12.07 56.28
C LEU A 662 -0.78 -12.53 54.83
N ALA A 663 -2.00 -13.00 54.57
CA ALA A 663 -2.36 -13.48 53.25
C ALA A 663 -2.48 -12.31 52.26
N THR A 664 -3.17 -11.25 52.71
CA THR A 664 -3.20 -10.00 51.97
C THR A 664 -1.79 -9.49 51.73
N ALA A 665 -0.90 -9.71 52.70
CA ALA A 665 0.49 -9.31 52.57
C ALA A 665 1.19 -10.10 51.45
N TYR A 666 0.87 -11.37 51.32
CA TYR A 666 1.45 -12.17 50.25
C TYR A 666 1.03 -11.63 48.90
N ASP A 667 -0.29 -11.53 48.71
CA ASP A 667 -0.83 -10.91 47.52
C ASP A 667 -0.07 -9.63 47.22
N ASN A 668 -0.06 -8.69 48.17
CA ASN A 668 0.58 -7.41 47.92
C ASN A 668 2.06 -7.53 47.54
N PHE A 669 2.77 -8.49 48.13
CA PHE A 669 4.17 -8.67 47.80
C PHE A 669 4.34 -9.08 46.35
N VAL A 670 3.52 -10.04 45.93
CA VAL A 670 3.54 -10.56 44.58
C VAL A 670 3.20 -9.49 43.54
N GLU A 671 2.17 -8.72 43.86
CA GLU A 671 1.68 -7.68 42.98
C GLU A 671 2.66 -6.53 42.90
N LEU A 672 3.26 -6.17 44.04
CA LEU A 672 4.17 -5.03 44.13
C LEU A 672 5.44 -5.28 43.33
N VAL A 673 6.09 -6.41 43.59
CA VAL A 673 7.25 -6.81 42.83
C VAL A 673 6.96 -6.76 41.32
N ALA A 674 5.76 -7.17 40.90
CA ALA A 674 5.41 -7.15 39.48
C ALA A 674 5.25 -5.74 38.92
N ASN A 675 4.60 -4.85 39.66
CA ASN A 675 4.50 -3.47 39.22
C ASN A 675 5.84 -2.77 39.20
N LEU A 676 6.79 -3.31 39.94
CA LEU A 676 8.09 -2.67 40.00
C LEU A 676 8.97 -3.15 38.87
N LYS A 677 8.89 -4.44 38.55
CA LYS A 677 9.61 -4.98 37.40
C LYS A 677 9.05 -4.36 36.12
N GLU A 678 7.72 -4.29 36.03
CA GLU A 678 7.10 -3.57 34.94
C GLU A 678 7.67 -2.14 34.81
N GLY A 679 7.52 -1.34 35.85
CA GLY A 679 8.03 0.03 35.84
C GLY A 679 9.50 0.16 35.49
N THR A 680 10.27 -0.86 35.83
CA THR A 680 11.69 -0.84 35.53
C THR A 680 11.94 -1.12 34.05
N LYS A 681 11.36 -2.21 33.54
CA LYS A 681 11.38 -2.50 32.12
C LYS A 681 10.99 -1.25 31.31
N PHE A 682 9.93 -0.58 31.76
CA PHE A 682 9.46 0.63 31.11
C PHE A 682 10.54 1.71 31.06
N TYR A 683 11.11 2.07 32.21
CA TYR A 683 12.10 3.13 32.25
C TYR A 683 13.35 2.78 31.43
N ASN A 684 13.64 1.49 31.29
CA ASN A 684 14.82 1.09 30.53
C ASN A 684 14.57 1.12 29.02
N GLU A 685 13.38 0.70 28.60
CA GLU A 685 12.95 0.90 27.22
C GLU A 685 12.98 2.39 26.91
N LEU A 686 12.50 3.18 27.86
CA LEU A 686 12.43 4.63 27.70
C LEU A 686 13.81 5.24 27.54
N THR A 687 14.80 4.67 28.21
CA THR A 687 16.17 5.13 28.01
C THR A 687 16.63 4.86 26.56
N GLU A 688 16.30 3.68 26.04
CA GLU A 688 16.62 3.31 24.66
C GLU A 688 15.99 4.28 23.66
N ILE A 689 14.72 4.60 23.88
CA ILE A 689 14.02 5.48 22.97
C ILE A 689 14.54 6.91 23.11
N LEU A 690 14.78 7.32 24.36
CA LEU A 690 15.33 8.65 24.63
C LEU A 690 16.76 8.86 24.13
N VAL A 691 17.58 7.82 24.15
CA VAL A 691 18.95 7.95 23.65
C VAL A 691 18.97 8.15 22.15
N ARG A 692 18.04 7.48 21.48
CA ARG A 692 17.84 7.70 20.06
C ARG A 692 17.47 9.15 19.84
N PHE A 693 16.46 9.61 20.55
CA PHE A 693 16.00 10.98 20.39
C PHE A 693 17.12 11.98 20.63
N GLN A 694 18.10 11.59 21.44
CA GLN A 694 19.22 12.48 21.72
C GLN A 694 20.19 12.53 20.55
N ASN A 695 20.16 11.49 19.73
CA ASN A 695 20.97 11.44 18.52
C ASN A 695 20.38 12.24 17.37
N LYS A 696 19.07 12.17 17.19
CA LYS A 696 18.42 13.04 16.23
C LYS A 696 18.74 14.50 16.59
N CYS A 697 18.89 14.78 17.87
CA CYS A 697 19.17 16.15 18.31
C CYS A 697 20.58 16.58 17.97
N SER A 698 21.59 15.80 18.39
CA SER A 698 22.98 16.16 18.11
C SER A 698 23.33 16.11 16.61
N ASP A 699 22.86 15.07 15.92
CA ASP A 699 23.02 14.98 14.47
C ASP A 699 22.55 16.26 13.79
N ILE A 700 21.44 16.81 14.26
CA ILE A 700 20.83 17.99 13.63
C ILE A 700 21.43 19.31 14.09
N VAL A 701 22.11 19.31 15.25
CA VAL A 701 22.79 20.51 15.70
C VAL A 701 24.17 20.59 15.05
N PHE A 702 24.63 19.47 14.49
CA PHE A 702 25.95 19.45 13.87
C PHE A 702 25.94 19.33 12.34
N ALA A 703 24.75 19.22 11.76
CA ALA A 703 24.56 19.40 10.32
C ALA A 703 24.32 20.89 10.09
N ARG A 704 23.98 21.57 11.19
CA ARG A 704 23.71 23.00 11.22
C ARG A 704 24.94 23.78 11.69
N ALA B 4 0.04 -1.07 35.71
CA ALA B 4 0.27 0.16 36.48
C ALA B 4 1.05 1.18 35.66
N TYR B 5 1.95 0.68 34.82
CA TYR B 5 2.68 1.52 33.88
C TYR B 5 2.12 1.38 32.46
N ASP B 6 1.03 0.63 32.34
CA ASP B 6 0.32 0.53 31.07
C ASP B 6 -0.15 1.91 30.56
N PRO B 7 -0.70 2.74 31.46
CA PRO B 7 -1.16 4.07 31.05
C PRO B 7 -0.06 4.94 30.43
N ALA B 8 1.19 4.67 30.82
CA ALA B 8 2.32 5.45 30.31
C ALA B 8 2.86 4.85 29.01
N ARG B 9 2.84 3.52 28.91
CA ARG B 9 3.23 2.89 27.66
C ARG B 9 2.31 3.28 26.52
N LYS B 10 1.07 3.59 26.86
CA LYS B 10 0.08 3.99 25.86
C LYS B 10 0.54 5.24 25.13
N LEU B 11 1.14 6.16 25.88
CA LEU B 11 1.53 7.46 25.33
C LEU B 11 2.78 7.39 24.44
N LEU B 12 3.45 6.24 24.46
CA LEU B 12 4.54 5.97 23.52
C LEU B 12 3.99 5.58 22.15
#